data_8POY
#
_entry.id   8POY
#
_cell.length_a   73.169
_cell.length_b   95.633
_cell.length_c   119.927
_cell.angle_alpha   90.00
_cell.angle_beta   90.00
_cell.angle_gamma   90.00
#
_symmetry.space_group_name_H-M   'P 21 21 21'
#
loop_
_entity.id
_entity.type
_entity.pdbx_description
1 polymer 'Uptake hydrogenase large subunit'
2 polymer 'Uptake hydrogenase small subunit'
3 non-polymer 'NI-FE OXIDIZED ACTIVE CENTER'
4 non-polymer 'MAGNESIUM ION'
5 non-polymer 'IRON/SULFUR CLUSTER'
6 non-polymer 'FE3-S4 CLUSTER'
7 non-polymer 'IRON/SULFUR CLUSTER'
8 non-polymer 'FE4-S3 CLUSTER'
9 non-polymer 'CHLORIDE ION'
10 water water
#
loop_
_entity_poly.entity_id
_entity_poly.type
_entity_poly.pdbx_seq_one_letter_code
_entity_poly.pdbx_strand_id
1 'polypeptide(L)'
;MSAYATQGFNLDDRGRRIVVDPVTRIEGHMRCEVNVDANNVIRNAVSTGTMWRGLEVILKGRDPRDAWAFVERICGVCTG
CHALASVRAVENALDIRIPKNAHLIREIMAKTLQVHDHAVHFYHLHALDWVDVMSALKADPKRTSELQQLVSPAHPLSSA
GYFRDIQNRLKRFVESGQLGPFMNGYWGSKAYVLPPEANLMAVTHYLEALDLQKEWVKIHTIFGGKNPHPNYLVGGVPCA
INLDGIGAASAPVNMERLSFVKARIDEIIEFNKNVYVPDVLAIGTLYKQAGWLYGGGLAATNVLDYGEYPNVAYNKSTDQ
LPGGAILNGNWDEVFPVDPRDSQQVQEFVSHSWYKYADESVGLHPWDGVTEPNYVLGANTKGTRTRIEQIDESAKYSWIK
SPRWRGHAMEVGPLSRYILAYAHARSGNKYAERPKEQLEYSAQMINSAIPKALGLPETQYTLKQLLPSTIGRTLARALES
QYCGEMMHSDWHDLVANIRAGDTATANVDKWDPATWPLQAKGVGTVAAPRGALGHWIRIKDGRIENYQCVVPTTWNGSPR
DYKGQIGAFEASLMNTPMVNPEQPVEILRTLHSFDPCLACSTH
;
L
2 'polypeptide(L)'
;METKPRTPVLWLHGLECTCCSESFIRSAHPLAKDVVLSMISLDYDDTLMAAAGHQAEAILEEIMTKYKGNYILAVEGNPP
LNQDGMSCIIGGRPFIEQLKYVAKDAKAIISWGSCASWGGVQAAKPNPTQATPVHKVITDKPIIKVPGCPPIAEVMTGVI
TYMLTFDRIPELDRQGRPKMFYSQRIHDKCYRRPHFDAGQFVEEWDDESARKGFCLYKMGCKGPTTYNACSTTRWNEGTS
FPIQSGHGCIGCSEDGFWDKGSFYDRLTGISQFGVEANADKIGGTASVVVGAAVTAHAAASAIKRASKKNETSGSEHRSA
WSHPQFEK
;
S
#
# COMPACT_ATOMS: atom_id res chain seq x y z
N ALA A 3 22.02 -19.68 19.68
CA ALA A 3 21.94 -20.20 18.29
C ALA A 3 21.03 -21.42 18.19
N TYR A 4 20.22 -21.48 17.13
CA TYR A 4 19.47 -22.70 16.79
C TYR A 4 19.16 -22.78 15.31
N ALA A 5 18.85 -23.99 14.85
CA ALA A 5 18.59 -24.25 13.44
C ALA A 5 17.10 -24.46 13.21
N THR A 6 16.57 -23.82 12.16
CA THR A 6 15.17 -23.98 11.78
C THR A 6 15.01 -23.76 10.27
N GLN A 7 14.23 -24.62 9.64
CA GLN A 7 13.91 -24.51 8.20
C GLN A 7 15.16 -24.49 7.31
N GLY A 8 16.23 -25.13 7.77
CA GLY A 8 17.51 -25.14 7.05
C GLY A 8 18.36 -23.90 7.25
N PHE A 9 17.92 -22.96 8.10
CA PHE A 9 18.71 -21.78 8.43
C PHE A 9 19.37 -21.95 9.80
N ASN A 10 20.65 -21.62 9.87
CA ASN A 10 21.39 -21.63 11.13
C ASN A 10 21.42 -20.23 11.74
N LEU A 11 20.46 -19.95 12.62
CA LEU A 11 20.37 -18.65 13.28
C LEU A 11 21.44 -18.55 14.34
N ASP A 12 22.17 -17.45 14.33
CA ASP A 12 23.22 -17.21 15.30
C ASP A 12 23.24 -15.73 15.66
N ASP A 13 23.03 -15.44 16.94
CA ASP A 13 22.97 -14.06 17.42
C ASP A 13 24.25 -13.61 18.15
N ARG A 14 25.35 -14.34 17.96
CA ARG A 14 26.62 -14.01 18.61
C ARG A 14 27.44 -12.92 17.90
N GLY A 15 27.18 -12.68 16.62
CA GLY A 15 27.93 -11.67 15.87
C GLY A 15 27.50 -10.24 16.19
N ARG A 16 28.05 -9.30 15.42
CA ARG A 16 27.79 -7.87 15.60
C ARG A 16 26.31 -7.53 15.31
N ARG A 17 25.67 -6.85 16.26
CA ARG A 17 24.26 -6.48 16.12
C ARG A 17 24.13 -5.17 15.38
N ILE A 18 23.25 -5.13 14.37
CA ILE A 18 22.97 -3.91 13.62
C ILE A 18 21.49 -3.62 13.67
N VAL A 19 21.15 -2.35 13.94
CA VAL A 19 19.76 -1.91 14.04
C VAL A 19 19.40 -1.02 12.87
N VAL A 20 18.26 -1.29 12.25
CA VAL A 20 17.67 -0.37 11.25
C VAL A 20 16.28 0.09 11.70
N ASP A 21 16.22 1.28 12.30
CA ASP A 21 14.98 1.86 12.80
C ASP A 21 15.05 3.38 12.63
N PRO A 22 14.24 3.94 11.72
CA PRO A 22 13.21 3.30 10.91
C PRO A 22 13.73 2.67 9.61
N VAL A 23 13.04 1.62 9.16
CA VAL A 23 13.14 1.15 7.79
C VAL A 23 12.33 2.13 6.96
N THR A 24 12.98 2.80 6.01
CA THR A 24 12.30 3.79 5.17
C THR A 24 11.90 3.17 3.84
N ARG A 25 11.19 3.95 3.02
CA ARG A 25 10.67 3.51 1.73
C ARG A 25 9.85 2.22 1.85
N ILE A 26 9.00 2.22 2.86
CA ILE A 26 7.94 1.24 3.03
C ILE A 26 6.70 2.01 3.42
N GLU A 27 5.56 1.33 3.51
CA GLU A 27 4.42 1.92 4.19
C GLU A 27 4.52 1.58 5.67
N GLY A 28 4.29 2.57 6.51
CA GLY A 28 4.11 2.33 7.94
C GLY A 28 5.45 2.26 8.64
N HIS A 29 5.47 1.55 9.76
CA HIS A 29 6.61 1.58 10.68
C HIS A 29 7.19 0.21 10.92
N MET A 30 8.49 0.07 10.67
CA MET A 30 9.21 -1.18 10.90
C MET A 30 10.58 -0.92 11.52
N ARG A 31 10.98 -1.83 12.41
CA ARG A 31 12.35 -1.91 12.92
C ARG A 31 12.91 -3.26 12.50
N CYS A 32 14.15 -3.26 12.00
CA CYS A 32 14.84 -4.49 11.65
C CYS A 32 16.18 -4.57 12.37
N GLU A 33 16.45 -5.70 13.00
CA GLU A 33 17.74 -5.97 13.60
C GLU A 33 18.36 -7.22 12.99
N VAL A 34 19.66 -7.18 12.76
CA VAL A 34 20.41 -8.33 12.26
C VAL A 34 21.69 -8.56 13.07
N ASN A 35 22.21 -9.78 13.00
CA ASN A 35 23.56 -10.07 13.44
C ASN A 35 24.39 -10.52 12.27
N VAL A 36 25.58 -9.95 12.12
CA VAL A 36 26.51 -10.31 11.06
C VAL A 36 27.73 -11.00 11.64
N ASP A 37 28.28 -11.93 10.87
CA ASP A 37 29.47 -12.67 11.29
C ASP A 37 30.75 -11.88 10.97
N ALA A 38 31.91 -12.53 11.14
CA ALA A 38 33.21 -11.86 10.98
C ALA A 38 33.43 -11.34 9.56
N ASN A 39 32.70 -11.89 8.60
CA ASN A 39 32.81 -11.51 7.20
C ASN A 39 31.63 -10.69 6.70
N ASN A 40 30.87 -10.09 7.63
CA ASN A 40 29.70 -9.25 7.32
C ASN A 40 28.52 -9.98 6.69
N VAL A 41 28.43 -11.30 6.92
CA VAL A 41 27.30 -12.08 6.45
C VAL A 41 26.23 -12.09 7.53
N ILE A 42 25.00 -11.78 7.14
CA ILE A 42 23.87 -11.84 8.06
C ILE A 42 23.60 -13.28 8.51
N ARG A 43 23.65 -13.51 9.81
CA ARG A 43 23.44 -14.83 10.41
C ARG A 43 22.21 -14.89 11.34
N ASN A 44 21.52 -13.75 11.46
CA ASN A 44 20.29 -13.65 12.25
C ASN A 44 19.57 -12.39 11.78
N ALA A 45 18.24 -12.47 11.73
CA ALA A 45 17.42 -11.33 11.34
C ALA A 45 16.16 -11.28 12.18
N VAL A 46 15.75 -10.06 12.54
CA VAL A 46 14.64 -9.81 13.44
C VAL A 46 13.70 -8.77 12.84
N SER A 47 12.47 -9.19 12.57
CA SER A 47 11.46 -8.31 11.98
C SER A 47 10.52 -7.80 13.08
N THR A 48 10.47 -6.49 13.27
CA THR A 48 9.63 -5.88 14.30
C THR A 48 8.66 -4.86 13.67
N GLY A 49 7.37 -5.21 13.65
CA GLY A 49 6.32 -4.24 13.31
C GLY A 49 6.16 -3.26 14.45
N THR A 50 6.38 -1.98 14.18
CA THR A 50 6.44 -0.96 15.25
C THR A 50 5.20 -0.06 15.32
N MET A 51 4.06 -0.58 14.88
CA MET A 51 2.80 0.16 14.97
C MET A 51 1.60 -0.77 15.19
N TRP A 52 0.55 -0.23 15.80
CA TRP A 52 -0.73 -0.93 15.90
C TRP A 52 -1.83 0.10 16.11
N ARG A 53 -2.99 -0.15 15.52
CA ARG A 53 -4.16 0.73 15.67
C ARG A 53 -5.41 0.01 16.23
N GLY A 54 -5.54 -1.28 15.97
CA GLY A 54 -6.61 -2.08 16.57
C GLY A 54 -7.94 -2.00 15.85
N LEU A 55 -7.91 -2.04 14.52
CA LEU A 55 -9.14 -2.03 13.72
C LEU A 55 -10.07 -3.18 14.07
N GLU A 56 -9.50 -4.34 14.42
CA GLU A 56 -10.32 -5.51 14.72
C GLU A 56 -11.15 -5.30 15.99
N VAL A 57 -10.57 -4.60 16.96
CA VAL A 57 -11.26 -4.25 18.20
C VAL A 57 -12.34 -3.20 17.90
N ILE A 58 -11.99 -2.21 17.08
CA ILE A 58 -12.88 -1.08 16.75
C ILE A 58 -14.16 -1.51 16.02
N LEU A 59 -14.05 -2.53 15.18
CA LEU A 59 -15.20 -3.03 14.41
C LEU A 59 -16.28 -3.73 15.24
N LYS A 60 -15.96 -4.20 16.44
CA LYS A 60 -16.92 -4.95 17.25
CA LYS A 60 -16.92 -4.95 17.24
C LYS A 60 -18.18 -4.12 17.51
N GLY A 61 -19.34 -4.73 17.29
CA GLY A 61 -20.64 -4.10 17.55
C GLY A 61 -21.18 -3.20 16.44
N ARG A 62 -20.43 -3.02 15.36
CA ARG A 62 -20.84 -2.15 14.28
C ARG A 62 -21.62 -2.93 13.24
N ASP A 63 -22.20 -2.19 12.29
CA ASP A 63 -22.98 -2.79 11.21
C ASP A 63 -22.03 -3.38 10.15
N PRO A 64 -22.22 -4.67 9.81
CA PRO A 64 -21.40 -5.31 8.78
C PRO A 64 -21.35 -4.57 7.46
N ARG A 65 -22.43 -3.88 7.12
CA ARG A 65 -22.48 -3.09 5.89
C ARG A 65 -21.56 -1.87 5.91
N ASP A 66 -21.20 -1.39 7.11
CA ASP A 66 -20.29 -0.26 7.25
C ASP A 66 -18.83 -0.69 7.29
N ALA A 67 -18.59 -1.97 7.58
CA ALA A 67 -17.26 -2.49 7.87
C ALA A 67 -16.22 -2.16 6.79
N TRP A 68 -16.60 -2.26 5.52
CA TRP A 68 -15.66 -2.03 4.42
C TRP A 68 -14.92 -0.70 4.54
N ALA A 69 -15.63 0.34 4.95
CA ALA A 69 -15.07 1.69 5.01
C ALA A 69 -14.06 1.84 6.14
N PHE A 70 -14.31 1.17 7.25
CA PHE A 70 -13.38 1.10 8.37
C PHE A 70 -12.10 0.38 7.94
N VAL A 71 -12.25 -0.87 7.49
CA VAL A 71 -11.08 -1.69 7.13
C VAL A 71 -10.35 -1.22 5.86
N GLU A 72 -11.01 -0.48 4.99
CA GLU A 72 -10.32 0.18 3.88
C GLU A 72 -9.23 1.11 4.40
N ARG A 73 -9.46 1.71 5.57
CA ARG A 73 -8.48 2.60 6.20
C ARG A 73 -7.40 1.85 7.00
N ILE A 74 -7.35 0.53 6.87
CA ILE A 74 -6.16 -0.20 7.27
C ILE A 74 -4.98 0.33 6.45
N CYS A 75 -5.21 0.66 5.18
CA CYS A 75 -4.12 1.08 4.29
C CYS A 75 -4.55 1.89 3.06
N GLY A 76 -3.89 3.03 2.88
CA GLY A 76 -4.15 3.89 1.73
C GLY A 76 -3.23 3.57 0.56
N VAL A 77 -2.29 2.65 0.76
CA VAL A 77 -1.41 2.21 -0.32
C VAL A 77 -2.08 1.05 -1.07
N CYS A 78 -2.43 -0.04 -0.37
CA CYS A 78 -3.21 -1.12 -0.99
C CYS A 78 -4.69 -0.79 -0.88
N THR A 79 -5.00 0.41 -1.36
CA THR A 79 -6.31 1.03 -1.14
C THR A 79 -7.43 0.33 -1.90
N GLY A 80 -8.42 -0.13 -1.16
CA GLY A 80 -9.56 -0.80 -1.74
C GLY A 80 -9.55 -2.32 -1.62
N CYS A 81 -8.38 -2.92 -1.42
CA CYS A 81 -8.29 -4.37 -1.32
C CYS A 81 -8.95 -4.90 -0.05
N HIS A 82 -8.81 -4.15 1.05
CA HIS A 82 -9.52 -4.47 2.29
C HIS A 82 -11.02 -4.26 2.15
N ALA A 83 -11.42 -3.22 1.41
CA ALA A 83 -12.82 -2.96 1.16
C ALA A 83 -13.41 -4.13 0.39
N LEU A 84 -12.68 -4.59 -0.63
CA LEU A 84 -13.10 -5.76 -1.40
C LEU A 84 -13.21 -7.02 -0.53
N ALA A 85 -12.21 -7.25 0.32
CA ALA A 85 -12.23 -8.41 1.24
C ALA A 85 -13.43 -8.37 2.18
N SER A 86 -13.75 -7.18 2.67
CA SER A 86 -14.83 -6.97 3.61
C SER A 86 -16.18 -7.27 2.99
N VAL A 87 -16.46 -6.67 1.83
CA VAL A 87 -17.75 -6.89 1.18
C VAL A 87 -17.90 -8.36 0.77
N ARG A 88 -16.81 -8.98 0.31
CA ARG A 88 -16.81 -10.42 0.01
C ARG A 88 -17.14 -11.25 1.25
N ALA A 89 -16.57 -10.86 2.39
CA ALA A 89 -16.78 -11.57 3.64
C ALA A 89 -18.24 -11.49 4.11
N VAL A 90 -18.83 -10.30 4.03
CA VAL A 90 -20.21 -10.07 4.44
C VAL A 90 -21.16 -10.80 3.47
N GLU A 91 -20.90 -10.68 2.18
CA GLU A 91 -21.66 -11.39 1.15
C GLU A 91 -21.58 -12.91 1.33
N ASN A 92 -20.41 -13.40 1.74
CA ASN A 92 -20.24 -14.82 2.04
C ASN A 92 -21.07 -15.24 3.27
N ALA A 93 -21.04 -14.43 4.32
CA ALA A 93 -21.79 -14.70 5.55
C ALA A 93 -23.29 -14.72 5.30
N LEU A 94 -23.76 -13.80 4.45
CA LEU A 94 -25.18 -13.57 4.22
C LEU A 94 -25.73 -14.26 2.97
N ASP A 95 -24.88 -15.04 2.31
CA ASP A 95 -25.25 -15.78 1.09
C ASP A 95 -25.79 -14.84 -0.01
N ILE A 96 -25.03 -13.77 -0.28
CA ILE A 96 -25.40 -12.78 -1.29
C ILE A 96 -24.52 -12.96 -2.51
N ARG A 97 -25.13 -13.09 -3.68
CA ARG A 97 -24.41 -13.16 -4.94
C ARG A 97 -24.55 -11.83 -5.66
N ILE A 98 -23.43 -11.20 -6.00
CA ILE A 98 -23.46 -9.92 -6.71
C ILE A 98 -23.70 -10.13 -8.21
N PRO A 99 -24.28 -9.14 -8.90
CA PRO A 99 -24.49 -9.28 -10.34
C PRO A 99 -23.19 -9.18 -11.14
N LYS A 100 -23.24 -9.64 -12.38
CA LYS A 100 -22.04 -9.76 -13.23
C LYS A 100 -21.28 -8.44 -13.36
N ASN A 101 -22.00 -7.34 -13.58
CA ASN A 101 -21.34 -6.03 -13.74
C ASN A 101 -20.58 -5.59 -12.48
N ALA A 102 -21.13 -5.90 -11.31
CA ALA A 102 -20.47 -5.61 -10.04
C ALA A 102 -19.19 -6.40 -9.91
N HIS A 103 -19.24 -7.67 -10.29
CA HIS A 103 -18.08 -8.54 -10.31
C HIS A 103 -16.97 -7.99 -11.19
N LEU A 104 -17.32 -7.63 -12.43
CA LEU A 104 -16.34 -7.15 -13.39
C LEU A 104 -15.74 -5.81 -12.96
N ILE A 105 -16.56 -4.92 -12.42
CA ILE A 105 -16.09 -3.63 -11.98
C ILE A 105 -15.13 -3.75 -10.79
N ARG A 106 -15.45 -4.62 -9.85
CA ARG A 106 -14.54 -4.96 -8.76
C ARG A 106 -13.22 -5.54 -9.25
N GLU A 107 -13.27 -6.41 -10.27
CA GLU A 107 -12.04 -6.99 -10.84
C GLU A 107 -11.17 -5.90 -11.50
N ILE A 108 -11.81 -5.01 -12.25
CA ILE A 108 -11.11 -3.91 -12.90
C ILE A 108 -10.46 -3.00 -11.86
N MET A 109 -11.18 -2.70 -10.79
CA MET A 109 -10.66 -1.85 -9.72
C MET A 109 -9.49 -2.53 -9.02
N ALA A 110 -9.61 -3.84 -8.81
CA ALA A 110 -8.59 -4.63 -8.17
C ALA A 110 -7.32 -4.64 -9.03
N LYS A 111 -7.49 -4.85 -10.32
CA LYS A 111 -6.35 -4.95 -11.23
C LYS A 111 -5.67 -3.60 -11.46
N THR A 112 -6.46 -2.53 -11.39
CA THR A 112 -5.94 -1.17 -11.43
C THR A 112 -5.04 -0.92 -10.20
N LEU A 113 -5.47 -1.37 -9.03
CA LEU A 113 -4.68 -1.23 -7.82
C LEU A 113 -3.35 -1.98 -7.94
N GLN A 114 -3.40 -3.22 -8.46
CA GLN A 114 -2.19 -4.03 -8.65
C GLN A 114 -1.15 -3.28 -9.48
N VAL A 115 -1.58 -2.73 -10.61
CA VAL A 115 -0.68 -2.00 -11.50
C VAL A 115 -0.12 -0.76 -10.79
N HIS A 116 -1.01 0.07 -10.25
CA HIS A 116 -0.58 1.29 -9.59
C HIS A 116 0.37 0.99 -8.42
N ASP A 117 -0.04 0.06 -7.56
CA ASP A 117 0.72 -0.31 -6.38
C ASP A 117 2.11 -0.84 -6.78
N HIS A 118 2.13 -1.80 -7.71
CA HIS A 118 3.38 -2.45 -8.13
C HIS A 118 4.37 -1.48 -8.75
N ALA A 119 3.89 -0.67 -9.69
CA ALA A 119 4.74 0.26 -10.42
C ALA A 119 5.29 1.37 -9.53
N VAL A 120 4.44 1.94 -8.66
CA VAL A 120 4.89 2.98 -7.74
C VAL A 120 5.92 2.43 -6.75
N HIS A 121 5.65 1.21 -6.25
CA HIS A 121 6.60 0.58 -5.35
C HIS A 121 7.95 0.40 -6.00
N PHE A 122 7.99 -0.12 -7.22
CA PHE A 122 9.28 -0.40 -7.82
C PHE A 122 10.08 0.88 -8.03
N TYR A 123 9.46 1.87 -8.68
CA TYR A 123 10.19 3.11 -8.98
C TYR A 123 10.44 3.97 -7.75
N HIS A 124 9.43 4.17 -6.91
CA HIS A 124 9.52 5.19 -5.85
C HIS A 124 9.90 4.66 -4.48
N LEU A 125 9.75 3.37 -4.25
CA LEU A 125 10.23 2.76 -3.02
C LEU A 125 11.47 1.85 -3.23
N HIS A 126 11.50 1.07 -4.30
CA HIS A 126 12.50 0.01 -4.45
C HIS A 126 13.73 0.42 -5.27
N ALA A 127 13.52 1.23 -6.30
CA ALA A 127 14.56 1.50 -7.30
C ALA A 127 15.85 2.06 -6.72
N LEU A 128 15.76 2.90 -5.70
CA LEU A 128 16.96 3.49 -5.07
C LEU A 128 17.82 2.47 -4.30
N ASP A 129 17.36 1.24 -4.20
CA ASP A 129 18.19 0.13 -3.70
C ASP A 129 19.04 -0.48 -4.80
N TRP A 130 18.63 -0.28 -6.05
CA TRP A 130 19.36 -0.78 -7.21
C TRP A 130 20.04 0.34 -7.97
N VAL A 131 19.49 1.55 -7.87
CA VAL A 131 19.93 2.70 -8.67
C VAL A 131 20.68 3.72 -7.82
N ASP A 132 21.86 4.13 -8.29
CA ASP A 132 22.61 5.21 -7.71
C ASP A 132 22.33 6.50 -8.47
N VAL A 133 21.66 7.44 -7.81
CA VAL A 133 21.21 8.69 -8.41
C VAL A 133 22.40 9.58 -8.77
N MET A 134 23.42 9.59 -7.92
CA MET A 134 24.62 10.42 -8.15
C MET A 134 25.43 9.90 -9.35
N SER A 135 25.38 8.60 -9.59
CA SER A 135 26.03 7.99 -10.76
C SER A 135 25.33 8.44 -12.05
N ALA A 136 24.01 8.57 -12.01
CA ALA A 136 23.23 9.12 -13.13
C ALA A 136 23.69 10.50 -13.60
N LEU A 137 24.23 11.31 -12.69
CA LEU A 137 24.81 12.62 -13.03
C LEU A 137 25.99 12.56 -14.03
N LYS A 138 26.59 11.39 -14.19
CA LYS A 138 27.74 11.20 -15.08
C LYS A 138 27.47 10.30 -16.28
N ALA A 139 26.22 9.96 -16.53
CA ALA A 139 25.88 9.16 -17.71
C ALA A 139 26.11 9.99 -18.97
N ASP A 140 26.54 9.34 -20.05
CA ASP A 140 26.56 9.98 -21.36
C ASP A 140 25.13 9.94 -21.90
N PRO A 141 24.54 11.12 -22.19
CA PRO A 141 23.18 11.14 -22.71
C PRO A 141 23.00 10.30 -23.98
N LYS A 142 24.00 10.31 -24.86
CA LYS A 142 23.97 9.47 -26.06
C LYS A 142 23.93 8.00 -25.69
N ARG A 143 24.86 7.53 -24.87
CA ARG A 143 24.93 6.12 -24.46
CA ARG A 143 24.93 6.12 -24.46
C ARG A 143 23.64 5.70 -23.74
N THR A 144 23.07 6.63 -22.96
CA THR A 144 21.80 6.41 -22.27
C THR A 144 20.66 6.23 -23.29
N SER A 145 20.63 7.09 -24.30
CA SER A 145 19.68 6.92 -25.43
C SER A 145 19.89 5.57 -26.09
N GLU A 146 21.15 5.17 -26.27
CA GLU A 146 21.48 3.91 -26.92
CA GLU A 146 21.48 3.91 -26.93
C GLU A 146 21.02 2.73 -26.07
N LEU A 147 21.26 2.82 -24.76
CA LEU A 147 20.82 1.76 -23.84
C LEU A 147 19.30 1.65 -23.83
N GLN A 148 18.62 2.80 -23.83
CA GLN A 148 17.15 2.82 -23.88
C GLN A 148 16.59 2.07 -25.10
N GLN A 149 17.21 2.28 -26.27
CA GLN A 149 16.76 1.62 -27.51
C GLN A 149 16.93 0.10 -27.46
N LEU A 150 17.98 -0.37 -26.78
CA LEU A 150 18.20 -1.80 -26.59
C LEU A 150 17.24 -2.40 -25.56
N VAL A 151 17.08 -1.71 -24.43
CA VAL A 151 16.25 -2.21 -23.32
C VAL A 151 14.75 -2.28 -23.68
N SER A 152 14.24 -1.24 -24.33
CA SER A 152 12.86 -1.20 -24.80
C SER A 152 12.74 -0.40 -26.11
N PRO A 153 12.88 -1.07 -27.26
CA PRO A 153 12.81 -0.41 -28.57
C PRO A 153 11.54 0.40 -28.80
N ALA A 154 10.43 -0.04 -28.23
CA ALA A 154 9.12 0.57 -28.48
C ALA A 154 8.86 1.86 -27.68
N HIS A 155 9.65 2.09 -26.63
CA HIS A 155 9.41 3.23 -25.75
C HIS A 155 9.79 4.53 -26.46
N PRO A 156 8.79 5.42 -26.72
CA PRO A 156 9.03 6.61 -27.55
C PRO A 156 9.98 7.65 -26.93
N LEU A 157 10.03 7.75 -25.62
CA LEU A 157 10.90 8.74 -24.95
C LEU A 157 12.32 8.20 -24.85
N SER A 158 13.09 8.35 -25.92
CA SER A 158 14.44 7.74 -26.03
C SER A 158 15.56 8.64 -26.56
N SER A 159 15.24 9.86 -27.00
CA SER A 159 16.25 10.71 -27.64
C SER A 159 17.32 11.17 -26.67
N ALA A 160 18.50 11.50 -27.20
CA ALA A 160 19.65 11.92 -26.41
C ALA A 160 19.39 13.24 -25.67
N GLY A 161 18.75 14.19 -26.34
CA GLY A 161 18.43 15.50 -25.77
C GLY A 161 17.53 15.38 -24.55
N TYR A 162 16.55 14.48 -24.65
CA TYR A 162 15.61 14.22 -23.56
C TYR A 162 16.33 13.77 -22.27
N PHE A 163 17.40 13.01 -22.42
CA PHE A 163 18.15 12.51 -21.27
C PHE A 163 19.07 13.53 -20.61
N ARG A 164 19.71 14.40 -21.40
CA ARG A 164 20.53 15.45 -20.79
C ARG A 164 19.63 16.50 -20.13
N ASP A 165 18.42 16.68 -20.68
CA ASP A 165 17.39 17.50 -20.05
C ASP A 165 17.07 17.01 -18.62
N ILE A 166 16.79 15.73 -18.50
CA ILE A 166 16.50 15.13 -17.18
C ILE A 166 17.73 15.26 -16.29
N GLN A 167 18.85 14.80 -16.81
CA GLN A 167 20.12 14.83 -16.09
C GLN A 167 20.46 16.23 -15.55
N ASN A 168 20.29 17.26 -16.37
CA ASN A 168 20.63 18.63 -15.94
C ASN A 168 19.72 19.15 -14.84
N ARG A 169 18.44 18.78 -14.88
CA ARG A 169 17.54 19.15 -13.80
C ARG A 169 17.95 18.49 -12.48
N LEU A 170 18.38 17.23 -12.56
CA LEU A 170 18.93 16.55 -11.39
C LEU A 170 20.21 17.22 -10.90
N LYS A 171 21.08 17.60 -11.83
CA LYS A 171 22.36 18.21 -11.51
C LYS A 171 22.20 19.44 -10.63
N ARG A 172 21.41 20.41 -11.09
CA ARG A 172 21.21 21.66 -10.32
C ARG A 172 20.31 21.47 -9.09
N PHE A 173 19.47 20.44 -9.10
CA PHE A 173 18.79 20.00 -7.87
C PHE A 173 19.81 19.60 -6.82
N VAL A 174 20.78 18.75 -7.22
CA VAL A 174 21.85 18.30 -6.31
C VAL A 174 22.83 19.42 -5.98
N GLU A 175 23.17 20.23 -6.99
CA GLU A 175 24.08 21.38 -6.79
C GLU A 175 23.49 22.50 -5.95
N SER A 176 22.17 22.49 -5.72
CA SER A 176 21.54 23.44 -4.82
C SER A 176 22.02 23.28 -3.38
N GLY A 177 22.38 22.06 -2.99
CA GLY A 177 22.79 21.76 -1.62
C GLY A 177 21.65 21.20 -0.78
N GLN A 178 20.43 21.24 -1.32
CA GLN A 178 19.26 20.64 -0.68
C GLN A 178 18.88 19.39 -1.48
N LEU A 179 19.35 18.24 -1.03
CA LEU A 179 19.14 16.98 -1.77
C LEU A 179 17.76 16.36 -1.56
N GLY A 180 17.01 16.85 -0.59
CA GLY A 180 15.65 16.36 -0.33
C GLY A 180 15.64 14.87 0.01
N PRO A 181 14.87 14.05 -0.75
CA PRO A 181 14.82 12.60 -0.51
C PRO A 181 16.13 11.83 -0.77
N PHE A 182 17.11 12.46 -1.43
CA PHE A 182 18.41 11.83 -1.71
C PHE A 182 19.46 12.13 -0.62
N MET A 183 19.12 13.03 0.29
CA MET A 183 19.99 13.43 1.39
C MET A 183 20.45 12.22 2.23
N ASN A 184 21.74 12.19 2.58
CA ASN A 184 22.34 11.11 3.38
C ASN A 184 22.17 9.70 2.79
N GLY A 185 22.02 9.62 1.47
CA GLY A 185 21.89 8.33 0.79
C GLY A 185 23.18 7.52 0.85
N TYR A 186 23.13 6.31 0.33
CA TYR A 186 24.27 5.38 0.39
C TYR A 186 25.00 5.34 -0.95
N TRP A 187 24.94 6.47 -1.67
CA TRP A 187 25.45 6.58 -3.02
C TRP A 187 26.95 6.32 -3.02
N GLY A 188 27.43 5.61 -4.04
CA GLY A 188 28.84 5.31 -4.19
C GLY A 188 29.24 3.96 -3.62
N SER A 189 28.38 3.38 -2.79
CA SER A 189 28.61 2.05 -2.23
C SER A 189 28.89 1.04 -3.34
N LYS A 190 29.77 0.10 -3.04
CA LYS A 190 30.09 -0.96 -3.99
C LYS A 190 28.92 -1.93 -4.17
N ALA A 191 27.91 -1.85 -3.31
CA ALA A 191 26.67 -2.63 -3.48
C ALA A 191 25.87 -2.23 -4.73
N TYR A 192 26.09 -1.00 -5.21
CA TYR A 192 25.55 -0.55 -6.50
C TYR A 192 26.46 -1.04 -7.63
N VAL A 193 25.88 -1.68 -8.63
CA VAL A 193 26.66 -2.24 -9.75
C VAL A 193 26.30 -1.68 -11.13
N LEU A 194 25.25 -0.87 -11.25
CA LEU A 194 24.80 -0.42 -12.56
C LEU A 194 25.75 0.63 -13.10
N PRO A 195 25.98 0.63 -14.43
CA PRO A 195 26.71 1.75 -15.03
C PRO A 195 25.87 3.03 -15.01
N PRO A 196 26.53 4.20 -15.10
CA PRO A 196 25.85 5.50 -15.12
C PRO A 196 24.62 5.54 -16.02
N GLU A 197 24.74 4.95 -17.21
CA GLU A 197 23.69 5.02 -18.24
C GLU A 197 22.40 4.36 -17.78
N ALA A 198 22.54 3.20 -17.12
CA ALA A 198 21.39 2.49 -16.56
C ALA A 198 20.76 3.32 -15.44
N ASN A 199 21.61 3.95 -14.62
CA ASN A 199 21.14 4.80 -13.52
C ASN A 199 20.31 6.00 -14.01
N LEU A 200 20.80 6.69 -15.04
CA LEU A 200 20.07 7.83 -15.60
C LEU A 200 18.74 7.38 -16.22
N MET A 201 18.77 6.27 -16.95
CA MET A 201 17.57 5.72 -17.57
C MET A 201 16.50 5.42 -16.53
N ALA A 202 16.90 4.79 -15.43
CA ALA A 202 15.98 4.42 -14.35
C ALA A 202 15.42 5.64 -13.59
N VAL A 203 16.28 6.62 -13.29
CA VAL A 203 15.83 7.85 -12.63
C VAL A 203 14.88 8.62 -13.55
N THR A 204 15.11 8.56 -14.85
CA THR A 204 14.21 9.19 -15.81
C THR A 204 12.82 8.56 -15.72
N HIS A 205 12.80 7.23 -15.64
CA HIS A 205 11.55 6.49 -15.55
C HIS A 205 10.87 6.66 -14.19
N TYR A 206 11.67 6.85 -13.15
CA TYR A 206 11.19 7.25 -11.81
C TYR A 206 10.32 8.50 -11.92
N LEU A 207 10.84 9.51 -12.62
CA LEU A 207 10.13 10.76 -12.81
C LEU A 207 8.94 10.63 -13.75
N GLU A 208 9.10 9.84 -14.82
CA GLU A 208 8.00 9.57 -15.74
C GLU A 208 6.84 8.88 -15.02
N ALA A 209 7.18 7.84 -14.24
CA ALA A 209 6.19 7.07 -13.49
C ALA A 209 5.46 7.92 -12.46
N LEU A 210 6.17 8.85 -11.83
CA LEU A 210 5.57 9.74 -10.82
C LEU A 210 4.42 10.59 -11.43
N ASP A 211 4.63 11.05 -12.66
CA ASP A 211 3.61 11.82 -13.39
C ASP A 211 2.46 10.95 -13.90
N LEU A 212 2.76 9.72 -14.31
CA LEU A 212 1.77 8.84 -14.97
C LEU A 212 0.85 8.13 -13.99
N GLN A 213 1.40 7.75 -12.83
CA GLN A 213 0.65 6.97 -11.84
C GLN A 213 -0.68 7.61 -11.45
N LYS A 214 -0.75 8.94 -11.50
CA LYS A 214 -1.97 9.66 -11.14
C LYS A 214 -3.07 9.50 -12.17
N GLU A 215 -2.71 9.15 -13.40
CA GLU A 215 -3.70 8.92 -14.46
C GLU A 215 -4.41 7.57 -14.26
N TRP A 216 -3.64 6.57 -13.87
CA TRP A 216 -4.15 5.20 -13.79
C TRP A 216 -5.30 5.07 -12.78
N VAL A 217 -5.18 5.75 -11.65
CA VAL A 217 -6.18 5.66 -10.57
C VAL A 217 -7.52 6.34 -10.88
N LYS A 218 -7.60 7.10 -11.98
CA LYS A 218 -8.86 7.68 -12.40
C LYS A 218 -9.88 6.60 -12.75
N ILE A 219 -9.43 5.37 -12.98
CA ILE A 219 -10.32 4.23 -13.11
C ILE A 219 -11.07 3.97 -11.79
N HIS A 220 -10.36 4.03 -10.68
CA HIS A 220 -10.98 4.00 -9.34
C HIS A 220 -11.95 5.16 -9.15
N THR A 221 -11.54 6.35 -9.56
CA THR A 221 -12.34 7.56 -9.39
C THR A 221 -13.70 7.44 -10.07
N ILE A 222 -13.73 6.86 -11.26
CA ILE A 222 -14.98 6.67 -11.98
C ILE A 222 -15.91 5.68 -11.29
N PHE A 223 -15.40 4.50 -10.97
CA PHE A 223 -16.23 3.44 -10.39
C PHE A 223 -16.48 3.61 -8.89
N GLY A 224 -15.54 4.29 -8.20
CA GLY A 224 -15.55 4.40 -6.75
C GLY A 224 -15.45 5.80 -6.18
N GLY A 225 -15.55 6.82 -7.02
CA GLY A 225 -15.66 8.21 -6.56
C GLY A 225 -14.37 8.97 -6.30
N LYS A 226 -13.34 8.26 -5.85
CA LYS A 226 -12.11 8.91 -5.38
C LYS A 226 -10.98 7.91 -5.27
N ASN A 227 -9.76 8.41 -5.31
CA ASN A 227 -8.59 7.61 -4.96
C ASN A 227 -7.56 8.53 -4.31
N PRO A 228 -7.01 8.13 -3.15
CA PRO A 228 -7.21 6.91 -2.36
C PRO A 228 -8.62 6.70 -1.80
N HIS A 229 -8.86 5.46 -1.35
CA HIS A 229 -10.07 5.03 -0.63
C HIS A 229 -11.37 5.19 -1.43
N PRO A 230 -11.47 4.47 -2.57
CA PRO A 230 -12.72 4.43 -3.31
C PRO A 230 -13.82 3.70 -2.55
N ASN A 231 -15.06 4.05 -2.84
CA ASN A 231 -16.20 3.46 -2.17
C ASN A 231 -16.59 2.11 -2.75
N TYR A 232 -17.05 1.24 -1.87
CA TYR A 232 -17.49 -0.11 -2.18
C TYR A 232 -18.90 -0.27 -1.62
N LEU A 233 -19.50 -1.44 -1.82
CA LEU A 233 -20.86 -1.68 -1.38
C LEU A 233 -21.10 -3.16 -1.15
N VAL A 234 -21.75 -3.50 -0.03
CA VAL A 234 -22.21 -4.86 0.19
C VAL A 234 -23.39 -5.12 -0.76
N GLY A 235 -23.21 -6.11 -1.64
CA GLY A 235 -24.24 -6.49 -2.59
C GLY A 235 -23.92 -6.11 -4.04
N GLY A 236 -22.85 -5.35 -4.26
CA GLY A 236 -22.49 -4.92 -5.61
C GLY A 236 -21.61 -3.70 -5.65
N VAL A 237 -21.96 -2.75 -6.51
CA VAL A 237 -21.23 -1.49 -6.63
C VAL A 237 -22.23 -0.35 -6.66
N PRO A 238 -21.85 0.84 -6.17
CA PRO A 238 -22.76 1.98 -6.16
C PRO A 238 -22.88 2.73 -7.49
N CYS A 239 -21.97 2.44 -8.42
CA CYS A 239 -21.92 3.17 -9.69
C CYS A 239 -22.90 2.62 -10.73
N ALA A 240 -24.16 3.04 -10.58
CA ALA A 240 -25.27 2.60 -11.43
C ALA A 240 -25.07 2.98 -12.90
N ILE A 241 -25.61 2.16 -13.80
CA ILE A 241 -25.32 2.26 -15.22
C ILE A 241 -26.54 2.76 -15.98
N ASN A 242 -26.31 3.69 -16.90
CA ASN A 242 -27.31 4.15 -17.87
C ASN A 242 -26.63 4.72 -19.12
N LEU A 243 -26.87 4.12 -20.27
CA LEU A 243 -26.23 4.53 -21.52
C LEU A 243 -26.89 5.76 -22.17
N ASP A 244 -28.22 5.76 -22.25
CA ASP A 244 -28.98 6.85 -22.89
C ASP A 244 -29.79 7.69 -21.87
N ALA A 248 -28.77 9.91 -19.30
CA ALA A 248 -27.59 9.03 -19.25
C ALA A 248 -26.40 9.68 -18.59
N ALA A 249 -26.13 10.92 -19.01
CA ALA A 249 -25.04 11.75 -18.47
C ALA A 249 -25.21 12.04 -16.96
N SER A 250 -26.36 11.67 -16.41
CA SER A 250 -26.67 11.83 -14.99
C SER A 250 -26.38 10.57 -14.14
N ALA A 251 -26.31 9.40 -14.79
CA ALA A 251 -25.91 8.17 -14.08
C ALA A 251 -24.40 8.12 -13.84
N PRO A 252 -23.97 7.44 -12.77
CA PRO A 252 -22.53 7.27 -12.54
C PRO A 252 -21.76 6.65 -13.71
N VAL A 253 -22.32 5.64 -14.38
CA VAL A 253 -21.63 4.96 -15.47
C VAL A 253 -22.44 5.01 -16.75
N ASN A 254 -21.90 5.70 -17.75
CA ASN A 254 -22.41 5.67 -19.11
C ASN A 254 -21.28 5.27 -20.06
N MET A 255 -21.57 5.20 -21.36
CA MET A 255 -20.57 4.74 -22.32
C MET A 255 -19.35 5.65 -22.38
N GLU A 256 -19.56 6.97 -22.20
CA GLU A 256 -18.43 7.93 -22.18
C GLU A 256 -17.45 7.64 -21.04
N ARG A 257 -17.97 7.39 -19.84
CA ARG A 257 -17.15 7.01 -18.69
C ARG A 257 -16.39 5.70 -18.92
N LEU A 258 -17.04 4.74 -19.56
CA LEU A 258 -16.40 3.46 -19.91
C LEU A 258 -15.32 3.62 -20.97
N SER A 259 -15.55 4.49 -21.94
CA SER A 259 -14.50 4.83 -22.92
C SER A 259 -13.29 5.44 -22.23
N PHE A 260 -13.53 6.30 -21.25
CA PHE A 260 -12.46 6.93 -20.47
C PHE A 260 -11.64 5.87 -19.73
N VAL A 261 -12.34 4.92 -19.10
CA VAL A 261 -11.68 3.80 -18.40
C VAL A 261 -10.79 3.01 -19.37
N LYS A 262 -11.30 2.75 -20.58
CA LYS A 262 -10.57 1.99 -21.59
C LYS A 262 -9.30 2.71 -22.00
N ALA A 263 -9.39 4.01 -22.25
CA ALA A 263 -8.21 4.81 -22.58
C ALA A 263 -7.12 4.70 -21.50
N ARG A 264 -7.52 4.70 -20.23
CA ARG A 264 -6.54 4.57 -19.13
C ARG A 264 -5.93 3.17 -19.07
N ILE A 265 -6.74 2.13 -19.32
CA ILE A 265 -6.24 0.75 -19.39
C ILE A 265 -5.18 0.58 -20.48
N ASP A 266 -5.44 1.16 -21.65
CA ASP A 266 -4.50 1.08 -22.79
C ASP A 266 -3.17 1.78 -22.48
N GLU A 267 -3.23 2.90 -21.77
CA GLU A 267 -2.03 3.58 -21.27
C GLU A 267 -1.25 2.70 -20.31
N ILE A 268 -1.96 1.99 -19.44
CA ILE A 268 -1.35 1.08 -18.49
C ILE A 268 -0.59 -0.05 -19.17
N ILE A 269 -1.22 -0.64 -20.19
CA ILE A 269 -0.62 -1.74 -20.94
C ILE A 269 0.66 -1.27 -21.64
N GLU A 270 0.63 -0.06 -22.17
CA GLU A 270 1.80 0.56 -22.77
C GLU A 270 2.95 0.74 -21.75
N PHE A 271 2.63 1.29 -20.58
CA PHE A 271 3.65 1.54 -19.56
C PHE A 271 4.29 0.24 -19.04
N ASN A 272 3.45 -0.76 -18.76
CA ASN A 272 3.95 -2.06 -18.29
C ASN A 272 4.89 -2.71 -19.30
N LYS A 273 4.47 -2.72 -20.55
CA LYS A 273 5.19 -3.41 -21.61
C LYS A 273 6.47 -2.67 -22.03
N ASN A 274 6.44 -1.33 -22.01
CA ASN A 274 7.53 -0.52 -22.55
C ASN A 274 8.49 0.05 -21.52
N VAL A 275 8.03 0.23 -20.28
CA VAL A 275 8.85 0.89 -19.26
C VAL A 275 9.19 -0.04 -18.10
N TYR A 276 8.16 -0.55 -17.44
CA TYR A 276 8.32 -1.26 -16.17
C TYR A 276 9.00 -2.61 -16.34
N VAL A 277 8.41 -3.50 -17.14
CA VAL A 277 8.96 -4.85 -17.30
C VAL A 277 10.37 -4.84 -17.91
N PRO A 278 10.61 -4.04 -18.97
CA PRO A 278 11.96 -3.96 -19.52
C PRO A 278 13.02 -3.47 -18.52
N ASP A 279 12.67 -2.46 -17.71
CA ASP A 279 13.60 -1.97 -16.69
C ASP A 279 13.97 -3.05 -15.69
N VAL A 280 12.97 -3.79 -15.22
CA VAL A 280 13.21 -4.83 -14.23
C VAL A 280 14.01 -5.98 -14.83
N LEU A 281 13.70 -6.34 -16.09
CA LEU A 281 14.49 -7.36 -16.79
C LEU A 281 15.95 -6.94 -16.94
N ALA A 282 16.17 -5.66 -17.28
CA ALA A 282 17.52 -5.13 -17.51
C ALA A 282 18.30 -4.96 -16.21
N ILE A 283 17.66 -4.39 -15.20
CA ILE A 283 18.30 -4.19 -13.89
C ILE A 283 18.58 -5.56 -13.27
N GLY A 284 17.60 -6.46 -13.36
CA GLY A 284 17.75 -7.84 -12.90
C GLY A 284 18.88 -8.59 -13.57
N THR A 285 19.06 -8.36 -14.87
CA THR A 285 20.13 -9.03 -15.62
C THR A 285 21.50 -8.62 -15.10
N LEU A 286 21.68 -7.32 -14.90
CA LEU A 286 22.98 -6.78 -14.48
C LEU A 286 23.36 -7.18 -13.06
N TYR A 287 22.38 -7.19 -12.15
CA TYR A 287 22.62 -7.68 -10.79
C TYR A 287 22.79 -9.21 -10.72
N LYS A 288 22.13 -9.93 -11.62
CA LYS A 288 22.41 -11.36 -11.80
C LYS A 288 23.86 -11.58 -12.29
N GLN A 289 24.29 -10.76 -13.24
CA GLN A 289 25.69 -10.80 -13.72
C GLN A 289 26.69 -10.56 -12.59
N ALA A 290 26.37 -9.63 -11.70
CA ALA A 290 27.17 -9.35 -10.52
C ALA A 290 27.14 -10.48 -9.47
N GLY A 291 26.28 -11.47 -9.66
CA GLY A 291 26.19 -12.63 -8.76
C GLY A 291 25.28 -12.42 -7.55
N TRP A 292 24.49 -11.34 -7.57
CA TRP A 292 23.63 -11.01 -6.42
C TRP A 292 22.30 -11.75 -6.48
N LEU A 293 22.34 -13.06 -6.17
CA LEU A 293 21.15 -13.93 -6.22
CA LEU A 293 21.15 -13.93 -6.22
C LEU A 293 20.62 -14.25 -4.81
N TYR A 294 20.96 -13.40 -3.84
CA TYR A 294 20.54 -13.58 -2.46
C TYR A 294 19.08 -13.22 -2.26
N GLY A 295 18.55 -13.59 -1.10
CA GLY A 295 17.24 -13.13 -0.66
C GLY A 295 16.06 -14.05 -0.93
N GLY A 296 16.32 -15.28 -1.35
CA GLY A 296 15.24 -16.23 -1.64
C GLY A 296 14.37 -16.58 -0.44
N GLY A 297 15.01 -16.72 0.72
CA GLY A 297 14.30 -17.00 1.97
C GLY A 297 13.39 -18.22 1.85
N LEU A 298 12.13 -18.04 2.25
CA LEU A 298 11.13 -19.12 2.21
C LEU A 298 10.60 -19.43 0.80
N ALA A 299 10.83 -18.53 -0.17
CA ALA A 299 10.36 -18.76 -1.53
C ALA A 299 10.93 -20.04 -2.13
N ALA A 300 12.12 -20.43 -1.67
CA ALA A 300 12.78 -21.66 -2.11
C ALA A 300 12.04 -22.92 -1.65
N THR A 301 11.22 -22.81 -0.60
CA THR A 301 10.50 -23.96 -0.06
C THR A 301 8.98 -23.79 -0.05
N ASN A 302 8.48 -22.80 0.68
CA ASN A 302 7.08 -22.72 1.06
C ASN A 302 6.40 -21.44 0.57
N VAL A 303 5.44 -21.58 -0.34
CA VAL A 303 4.69 -20.43 -0.85
C VAL A 303 3.17 -20.70 -0.85
N LEU A 304 2.40 -19.63 -0.64
CA LEU A 304 0.95 -19.72 -0.51
C LEU A 304 0.25 -18.55 -1.16
N ASP A 305 -0.88 -18.84 -1.79
CA ASP A 305 -1.90 -17.82 -2.16
C ASP A 305 -3.27 -18.50 -2.16
N TYR A 306 -4.30 -17.73 -1.88
CA TYR A 306 -5.67 -18.25 -1.90
C TYR A 306 -6.19 -18.50 -3.31
N GLY A 307 -5.56 -17.89 -4.32
CA GLY A 307 -6.02 -18.03 -5.70
C GLY A 307 -7.07 -16.98 -6.02
N GLU A 308 -7.03 -16.44 -7.24
CA GLU A 308 -7.82 -15.26 -7.55
C GLU A 308 -8.09 -15.09 -9.05
N TYR A 309 -9.08 -14.25 -9.36
CA TYR A 309 -9.38 -13.80 -10.72
C TYR A 309 -9.96 -14.92 -11.57
N PRO A 310 -11.08 -15.51 -11.12
CA PRO A 310 -11.73 -16.52 -11.92
C PRO A 310 -12.37 -15.89 -13.14
N ASN A 311 -12.17 -16.46 -14.33
CA ASN A 311 -12.84 -15.92 -15.50
C ASN A 311 -14.33 -16.30 -15.56
N VAL A 312 -14.74 -17.22 -14.67
CA VAL A 312 -16.16 -17.50 -14.40
C VAL A 312 -16.42 -17.23 -12.92
N ALA A 313 -17.24 -16.22 -12.64
CA ALA A 313 -17.49 -15.75 -11.26
C ALA A 313 -17.96 -16.88 -10.34
N TYR A 314 -17.50 -16.82 -9.10
CA TYR A 314 -17.79 -17.82 -8.05
C TYR A 314 -17.36 -19.27 -8.37
N ASN A 315 -16.49 -19.43 -9.38
CA ASN A 315 -15.94 -20.75 -9.73
C ASN A 315 -14.42 -20.72 -9.63
N LYS A 316 -13.92 -21.23 -8.51
CA LYS A 316 -12.52 -21.11 -8.14
C LYS A 316 -11.57 -21.93 -9.04
N SER A 317 -12.10 -22.95 -9.71
CA SER A 317 -11.28 -23.75 -10.63
C SER A 317 -10.83 -22.95 -11.87
N THR A 318 -11.51 -21.84 -12.15
CA THR A 318 -11.15 -20.98 -13.29
C THR A 318 -10.27 -19.77 -12.92
N ASP A 319 -9.69 -19.79 -11.73
CA ASP A 319 -8.75 -18.75 -11.28
C ASP A 319 -7.58 -18.58 -12.24
N GLN A 320 -7.36 -17.35 -12.69
CA GLN A 320 -6.31 -17.03 -13.65
C GLN A 320 -4.96 -16.80 -12.97
N LEU A 321 -5.00 -16.52 -11.68
CA LEU A 321 -3.84 -16.71 -10.81
C LEU A 321 -4.20 -17.80 -9.82
N PRO A 322 -4.05 -19.08 -10.23
CA PRO A 322 -4.48 -20.19 -9.37
C PRO A 322 -3.58 -20.37 -8.16
N GLY A 323 -4.20 -20.64 -7.02
CA GLY A 323 -3.51 -20.62 -5.74
C GLY A 323 -3.32 -21.99 -5.13
N GLY A 324 -3.19 -22.01 -3.82
CA GLY A 324 -2.87 -23.22 -3.09
C GLY A 324 -1.57 -23.03 -2.36
N ALA A 325 -0.98 -24.15 -1.93
CA ALA A 325 0.24 -24.13 -1.14
C ALA A 325 1.25 -25.14 -1.69
N ILE A 326 2.51 -24.71 -1.70
CA ILE A 326 3.65 -25.56 -2.06
C ILE A 326 4.53 -25.67 -0.81
N LEU A 327 5.03 -26.88 -0.53
CA LEU A 327 5.93 -27.12 0.59
C LEU A 327 7.24 -27.73 0.12
N ASN A 328 8.31 -27.45 0.88
CA ASN A 328 9.62 -28.09 0.72
C ASN A 328 10.23 -28.00 -0.69
N GLY A 329 9.85 -26.96 -1.43
CA GLY A 329 10.38 -26.74 -2.78
C GLY A 329 9.90 -27.74 -3.81
N ASN A 330 8.79 -28.43 -3.52
CA ASN A 330 8.25 -29.41 -4.45
C ASN A 330 7.17 -28.77 -5.33
N TRP A 331 7.57 -28.38 -6.54
CA TRP A 331 6.67 -27.68 -7.47
C TRP A 331 5.79 -28.66 -8.26
N ASP A 332 5.93 -29.96 -8.02
CA ASP A 332 5.06 -30.96 -8.64
C ASP A 332 3.76 -31.23 -7.86
N GLU A 333 3.61 -30.62 -6.69
CA GLU A 333 2.45 -30.90 -5.83
C GLU A 333 1.92 -29.64 -5.17
N VAL A 334 0.76 -29.17 -5.63
CA VAL A 334 0.12 -27.99 -5.08
C VAL A 334 -1.02 -28.43 -4.18
N PHE A 335 -0.92 -28.12 -2.89
CA PHE A 335 -1.96 -28.46 -1.93
C PHE A 335 -3.08 -27.42 -2.01
N PRO A 336 -4.34 -27.86 -1.96
CA PRO A 336 -5.45 -26.90 -1.93
C PRO A 336 -5.47 -26.15 -0.61
N VAL A 337 -5.80 -24.86 -0.66
CA VAL A 337 -5.90 -24.04 0.55
C VAL A 337 -7.35 -23.65 0.77
N ASP A 338 -7.88 -23.99 1.93
CA ASP A 338 -9.25 -23.66 2.33
C ASP A 338 -9.22 -22.66 3.49
N PRO A 339 -9.68 -21.41 3.24
CA PRO A 339 -9.76 -20.38 4.28
C PRO A 339 -10.77 -20.67 5.40
N ARG A 340 -11.65 -21.65 5.19
CA ARG A 340 -12.68 -22.02 6.16
C ARG A 340 -12.20 -23.08 7.16
N ASP A 341 -11.15 -23.82 6.80
CA ASP A 341 -10.66 -24.95 7.59
C ASP A 341 -9.85 -24.47 8.79
N SER A 342 -10.33 -24.78 9.99
CA SER A 342 -9.69 -24.26 11.22
C SER A 342 -8.29 -24.83 11.48
N GLN A 343 -7.94 -25.91 10.80
CA GLN A 343 -6.61 -26.51 10.92
C GLN A 343 -5.60 -25.99 9.89
N GLN A 344 -6.02 -25.06 9.03
CA GLN A 344 -5.11 -24.54 8.00
C GLN A 344 -4.53 -23.18 8.40
N VAL A 345 -5.24 -22.07 8.15
CA VAL A 345 -4.71 -20.75 8.49
C VAL A 345 -4.89 -20.49 9.99
N GLN A 346 -3.79 -20.30 10.70
CA GLN A 346 -3.81 -20.02 12.14
C GLN A 346 -2.79 -18.94 12.46
N GLU A 347 -3.05 -18.17 13.51
CA GLU A 347 -2.12 -17.14 13.93
C GLU A 347 -1.63 -17.39 15.35
N PHE A 348 -0.31 -17.39 15.52
CA PHE A 348 0.32 -17.46 16.83
C PHE A 348 0.65 -16.04 17.31
N VAL A 349 0.74 -15.85 18.62
CA VAL A 349 1.21 -14.60 19.23
C VAL A 349 2.33 -14.84 20.23
N SER A 350 2.95 -16.02 20.16
CA SER A 350 4.05 -16.39 21.06
C SER A 350 5.13 -15.31 21.13
N HIS A 351 5.48 -14.73 19.99
CA HIS A 351 6.50 -13.67 19.94
C HIS A 351 5.94 -12.32 19.48
N SER A 352 4.63 -12.12 19.69
CA SER A 352 3.95 -10.88 19.30
C SER A 352 3.40 -10.18 20.54
N TRP A 353 3.14 -8.89 20.44
CA TRP A 353 2.66 -8.10 21.58
C TRP A 353 1.15 -8.23 21.75
N TYR A 354 0.72 -9.48 21.94
CA TYR A 354 -0.68 -9.82 22.16
C TYR A 354 -0.74 -10.96 23.15
N LYS A 355 -1.93 -11.24 23.68
CA LYS A 355 -2.09 -12.39 24.54
C LYS A 355 -3.29 -13.25 24.15
N TYR A 356 -3.06 -14.57 24.25
CA TYR A 356 -4.10 -15.57 24.17
C TYR A 356 -4.22 -16.21 25.54
N ALA A 357 -5.31 -16.95 25.72
CA ALA A 357 -5.46 -17.82 26.87
C ALA A 357 -4.34 -18.85 26.87
N ASP A 358 -4.09 -19.47 25.72
CA ASP A 358 -2.99 -20.44 25.55
C ASP A 358 -2.17 -20.06 24.32
N GLU A 359 -0.94 -19.62 24.55
CA GLU A 359 -0.09 -19.12 23.47
C GLU A 359 0.79 -20.21 22.81
N SER A 360 0.58 -21.47 23.18
CA SER A 360 1.24 -22.57 22.50
C SER A 360 0.44 -23.05 21.28
N VAL A 361 -0.75 -22.46 21.05
CA VAL A 361 -1.56 -22.78 19.88
C VAL A 361 -1.82 -21.56 18.99
N GLY A 362 -2.08 -21.85 17.72
CA GLY A 362 -2.48 -20.84 16.76
C GLY A 362 -3.97 -20.85 16.57
N LEU A 363 -4.57 -19.68 16.45
CA LEU A 363 -6.02 -19.55 16.32
C LEU A 363 -6.40 -19.24 14.89
N HIS A 364 -7.35 -20.03 14.37
CA HIS A 364 -7.98 -19.72 13.09
C HIS A 364 -8.77 -18.43 13.28
N PRO A 365 -8.82 -17.56 12.25
CA PRO A 365 -9.33 -16.19 12.45
C PRO A 365 -10.80 -16.02 12.85
N TRP A 366 -11.66 -16.97 12.50
CA TRP A 366 -13.01 -17.03 13.08
C TRP A 366 -13.01 -17.17 14.61
N ASP A 367 -11.91 -17.69 15.16
CA ASP A 367 -11.73 -17.80 16.60
C ASP A 367 -10.64 -16.86 17.12
N GLY A 368 -10.30 -15.86 16.31
CA GLY A 368 -9.18 -14.97 16.56
C GLY A 368 -9.44 -14.01 17.71
N VAL A 369 -8.37 -13.62 18.37
CA VAL A 369 -8.43 -12.74 19.53
C VAL A 369 -7.36 -11.70 19.35
N THR A 370 -7.70 -10.44 19.59
CA THR A 370 -6.74 -9.34 19.49
C THR A 370 -6.76 -8.54 20.78
N GLU A 371 -5.90 -8.94 21.71
CA GLU A 371 -5.77 -8.28 22.97
C GLU A 371 -4.33 -7.83 23.13
N PRO A 372 -4.07 -6.51 23.12
CA PRO A 372 -2.70 -6.00 23.18
C PRO A 372 -1.96 -6.41 24.44
N ASN A 373 -0.66 -6.67 24.31
CA ASN A 373 0.21 -7.01 25.43
C ASN A 373 1.65 -6.57 25.16
N TYR A 374 1.89 -5.26 25.29
CA TYR A 374 3.21 -4.69 25.08
C TYR A 374 4.11 -4.94 26.27
N VAL A 375 5.03 -5.88 26.12
CA VAL A 375 5.96 -6.26 27.18
C VAL A 375 7.27 -6.70 26.51
N LEU A 376 8.41 -6.27 27.05
CA LEU A 376 9.73 -6.58 26.45
C LEU A 376 10.46 -7.62 27.27
N GLY A 377 11.22 -8.47 26.60
CA GLY A 377 11.95 -9.56 27.26
C GLY A 377 13.06 -9.08 28.19
N ALA A 378 13.56 -9.99 29.02
CA ALA A 378 14.58 -9.66 30.04
C ALA A 378 15.94 -9.30 29.42
N ASN A 379 16.22 -9.79 28.22
CA ASN A 379 17.50 -9.49 27.56
C ASN A 379 17.48 -8.24 26.68
N THR A 380 16.44 -7.43 26.81
CA THR A 380 16.37 -6.15 26.10
C THR A 380 17.50 -5.20 26.53
N LYS A 381 18.14 -4.55 25.57
CA LYS A 381 19.05 -3.43 25.87
C LYS A 381 18.23 -2.15 25.76
N GLY A 382 18.21 -1.37 26.84
CA GLY A 382 17.41 -0.16 26.92
C GLY A 382 16.18 -0.38 27.79
N THR A 383 15.22 0.53 27.67
CA THR A 383 14.00 0.51 28.48
C THR A 383 12.77 0.28 27.62
N ARG A 384 11.62 0.18 28.30
CA ARG A 384 10.30 0.09 27.66
C ARG A 384 9.99 1.21 26.68
N THR A 385 10.50 2.41 26.93
CA THR A 385 10.26 3.55 26.04
C THR A 385 11.50 4.00 25.28
N ARG A 386 12.59 3.24 25.41
CA ARG A 386 13.81 3.54 24.66
C ARG A 386 14.58 2.25 24.41
N ILE A 387 14.24 1.58 23.31
CA ILE A 387 14.82 0.29 22.95
C ILE A 387 16.10 0.54 22.16
N GLU A 388 17.20 -0.03 22.64
CA GLU A 388 18.47 -0.03 21.91
C GLU A 388 18.70 -1.34 21.16
N GLN A 389 18.31 -2.46 21.78
CA GLN A 389 18.37 -3.76 21.12
C GLN A 389 17.19 -4.63 21.55
N ILE A 390 16.28 -4.90 20.61
CA ILE A 390 15.11 -5.72 20.86
C ILE A 390 15.49 -7.17 21.21
N ASP A 391 14.70 -7.80 22.09
CA ASP A 391 14.93 -9.17 22.53
C ASP A 391 14.00 -10.13 21.79
N GLU A 392 14.51 -10.73 20.72
CA GLU A 392 13.71 -11.62 19.86
C GLU A 392 13.40 -12.99 20.48
N SER A 393 13.96 -13.27 21.65
CA SER A 393 13.67 -14.51 22.37
C SER A 393 12.29 -14.45 23.06
N ALA A 394 11.73 -13.24 23.19
CA ALA A 394 10.40 -13.06 23.77
C ALA A 394 9.48 -12.40 22.73
N LYS A 395 8.57 -11.52 23.17
CA LYS A 395 7.66 -10.83 22.24
C LYS A 395 8.32 -9.57 21.68
N TYR A 396 8.35 -9.46 20.34
CA TYR A 396 9.14 -8.41 19.69
C TYR A 396 8.48 -7.76 18.47
N SER A 397 7.15 -7.84 18.37
CA SER A 397 6.45 -7.26 17.23
C SER A 397 4.96 -7.10 17.45
N TRP A 398 4.41 -6.06 16.81
CA TRP A 398 2.96 -5.86 16.74
C TRP A 398 2.31 -6.72 15.66
N ILE A 399 3.11 -7.48 14.91
CA ILE A 399 2.59 -8.38 13.88
C ILE A 399 2.36 -9.77 14.50
N LYS A 400 1.19 -10.36 14.22
CA LYS A 400 0.93 -11.74 14.60
C LYS A 400 1.70 -12.68 13.68
N SER A 401 1.71 -13.97 14.01
CA SER A 401 2.44 -14.98 13.26
C SER A 401 1.52 -15.98 12.55
N PRO A 402 1.09 -15.66 11.31
CA PRO A 402 0.26 -16.61 10.58
C PRO A 402 1.06 -17.80 10.05
N ARG A 403 0.47 -18.98 10.11
CA ARG A 403 1.06 -20.18 9.54
C ARG A 403 -0.04 -20.97 8.88
N TRP A 404 0.35 -21.85 7.94
CA TRP A 404 -0.59 -22.73 7.26
C TRP A 404 -0.26 -24.16 7.61
N ARG A 405 -1.19 -24.82 8.30
CA ARG A 405 -0.97 -26.16 8.86
C ARG A 405 0.35 -26.21 9.62
N GLY A 406 0.67 -25.12 10.31
CA GLY A 406 1.91 -25.02 11.09
C GLY A 406 3.15 -24.58 10.32
N HIS A 407 3.06 -24.48 9.00
CA HIS A 407 4.22 -24.14 8.17
C HIS A 407 4.32 -22.65 7.94
N ALA A 408 5.55 -22.14 7.94
CA ALA A 408 5.82 -20.76 7.61
C ALA A 408 5.86 -20.62 6.09
N MET A 409 5.16 -19.63 5.55
CA MET A 409 5.00 -19.47 4.09
C MET A 409 5.38 -18.06 3.68
N GLU A 410 5.90 -17.93 2.46
CA GLU A 410 6.01 -16.64 1.80
C GLU A 410 4.76 -16.41 0.95
N VAL A 411 4.25 -15.18 0.98
CA VAL A 411 3.13 -14.78 0.14
C VAL A 411 3.55 -13.61 -0.74
N GLY A 412 2.79 -13.37 -1.81
CA GLY A 412 3.07 -12.27 -2.72
C GLY A 412 3.07 -12.66 -4.19
N PRO A 413 3.43 -11.71 -5.08
CA PRO A 413 3.49 -11.96 -6.52
C PRO A 413 4.41 -13.11 -6.89
N LEU A 414 5.55 -13.23 -6.20
CA LEU A 414 6.44 -14.36 -6.46
C LEU A 414 5.77 -15.68 -6.11
N SER A 415 5.10 -15.73 -4.97
CA SER A 415 4.38 -16.93 -4.57
C SER A 415 3.34 -17.31 -5.62
N ARG A 416 2.56 -16.33 -6.06
CA ARG A 416 1.54 -16.54 -7.08
C ARG A 416 2.12 -17.02 -8.41
N TYR A 417 3.28 -16.51 -8.77
CA TYR A 417 3.91 -16.89 -10.03
C TYR A 417 4.57 -18.27 -9.96
N ILE A 418 5.14 -18.62 -8.81
CA ILE A 418 5.62 -19.98 -8.58
C ILE A 418 4.45 -20.97 -8.61
N LEU A 419 3.35 -20.57 -7.99
CA LEU A 419 2.15 -21.39 -7.97
C LEU A 419 1.52 -21.54 -9.36
N ALA A 420 1.50 -20.46 -10.12
CA ALA A 420 0.99 -20.48 -11.49
C ALA A 420 1.84 -21.38 -12.37
N TYR A 421 3.16 -21.28 -12.22
CA TYR A 421 4.09 -22.13 -12.94
C TYR A 421 3.84 -23.60 -12.62
N ALA A 422 3.72 -23.93 -11.34
CA ALA A 422 3.44 -25.28 -10.89
C ALA A 422 2.13 -25.81 -11.47
N HIS A 423 1.09 -24.95 -11.44
CA HIS A 423 -0.23 -25.32 -11.98
C HIS A 423 -0.17 -25.61 -13.47
N ALA A 424 0.55 -24.75 -14.20
CA ALA A 424 0.71 -24.92 -15.65
C ALA A 424 1.40 -26.25 -16.00
N ARG A 425 2.36 -26.67 -15.19
CA ARG A 425 3.04 -27.93 -15.40
C ARG A 425 2.12 -29.14 -15.14
N SER A 426 1.16 -28.99 -14.22
CA SER A 426 0.18 -30.02 -13.94
C SER A 426 -1.00 -30.06 -14.94
N GLY A 427 -0.99 -29.15 -15.92
CA GLY A 427 -1.99 -29.15 -16.98
C GLY A 427 -3.03 -28.02 -16.91
N ASN A 428 -2.91 -27.16 -15.91
CA ASN A 428 -3.84 -26.04 -15.75
C ASN A 428 -3.60 -24.98 -16.83
N LYS A 429 -4.58 -24.79 -17.70
CA LYS A 429 -4.43 -23.88 -18.84
C LYS A 429 -4.76 -22.41 -18.51
N TYR A 430 -5.43 -22.16 -17.38
CA TYR A 430 -5.70 -20.79 -16.92
C TYR A 430 -4.43 -20.06 -16.46
N ALA A 431 -3.36 -20.81 -16.21
CA ALA A 431 -2.07 -20.24 -15.81
C ALA A 431 -1.06 -20.13 -16.98
N GLU A 432 -1.56 -20.21 -18.22
CA GLU A 432 -0.67 -20.28 -19.38
C GLU A 432 0.11 -19.00 -19.58
N ARG A 433 -0.54 -17.85 -19.37
CA ARG A 433 0.11 -16.56 -19.61
C ARG A 433 1.25 -16.26 -18.64
N PRO A 434 1.03 -16.45 -17.33
CA PRO A 434 2.15 -16.25 -16.41
C PRO A 434 3.34 -17.17 -16.68
N LYS A 435 3.08 -18.41 -17.12
CA LYS A 435 4.16 -19.32 -17.49
C LYS A 435 4.96 -18.78 -18.67
N GLU A 436 4.23 -18.31 -19.68
CA GLU A 436 4.81 -17.69 -20.87
C GLU A 436 5.69 -16.49 -20.47
N GLN A 437 5.16 -15.64 -19.59
CA GLN A 437 5.91 -14.49 -19.06
C GLN A 437 7.23 -14.90 -18.40
N LEU A 438 7.17 -15.94 -17.57
CA LEU A 438 8.34 -16.41 -16.82
C LEU A 438 9.43 -16.95 -17.74
N GLU A 439 9.02 -17.75 -18.71
CA GLU A 439 9.98 -18.35 -19.63
C GLU A 439 10.55 -17.30 -20.59
N TYR A 440 9.71 -16.36 -21.01
CA TYR A 440 10.18 -15.19 -21.75
C TYR A 440 11.20 -14.40 -20.92
N SER A 441 10.91 -14.20 -19.63
CA SER A 441 11.79 -13.44 -18.74
C SER A 441 13.13 -14.15 -18.50
N ALA A 442 13.08 -15.45 -18.26
CA ALA A 442 14.28 -16.25 -18.05
C ALA A 442 15.19 -16.16 -19.27
N GLN A 443 14.61 -16.31 -20.46
CA GLN A 443 15.37 -16.23 -21.71
C GLN A 443 15.95 -14.83 -21.95
N MET A 444 15.20 -13.79 -21.57
CA MET A 444 15.68 -12.40 -21.68
C MET A 444 16.84 -12.13 -20.73
N ILE A 445 16.70 -12.58 -19.48
CA ILE A 445 17.71 -12.39 -18.43
C ILE A 445 18.96 -13.24 -18.67
N ASN A 446 18.77 -14.48 -19.12
CA ASN A 446 19.86 -15.42 -19.35
C ASN A 446 20.66 -15.16 -20.62
N SER A 447 19.96 -14.83 -21.71
CA SER A 447 20.57 -14.84 -23.06
CA SER A 447 20.56 -14.83 -23.05
C SER A 447 20.40 -13.52 -23.80
N ALA A 448 19.16 -13.09 -24.01
CA ALA A 448 18.88 -11.97 -24.91
C ALA A 448 19.48 -10.64 -24.46
N ILE A 449 19.27 -10.27 -23.20
CA ILE A 449 19.80 -8.99 -22.70
C ILE A 449 21.33 -9.00 -22.55
N PRO A 450 21.90 -10.09 -21.99
CA PRO A 450 23.36 -10.20 -21.97
C PRO A 450 23.98 -10.08 -23.36
N LYS A 451 23.35 -10.69 -24.36
CA LYS A 451 23.84 -10.63 -25.73
C LYS A 451 23.82 -9.20 -26.26
N ALA A 452 22.76 -8.45 -25.95
CA ALA A 452 22.64 -7.05 -26.38
C ALA A 452 23.64 -6.13 -25.66
N LEU A 453 24.00 -6.48 -24.43
CA LEU A 453 24.89 -5.64 -23.62
C LEU A 453 26.34 -6.11 -23.65
N GLY A 454 26.63 -7.16 -24.43
CA GLY A 454 27.99 -7.67 -24.58
C GLY A 454 28.48 -8.41 -23.34
N LEU A 455 27.56 -9.12 -22.68
CA LEU A 455 27.85 -9.85 -21.46
C LEU A 455 27.79 -11.35 -21.72
N PRO A 456 28.46 -12.15 -20.87
CA PRO A 456 28.36 -13.61 -21.02
C PRO A 456 26.96 -14.12 -20.68
N GLU A 457 26.47 -15.09 -21.45
CA GLU A 457 25.13 -15.60 -21.25
C GLU A 457 25.13 -16.75 -20.24
N THR A 458 24.17 -16.72 -19.32
CA THR A 458 24.04 -17.69 -18.23
C THR A 458 22.93 -18.70 -18.54
N GLN A 459 22.81 -19.71 -17.69
CA GLN A 459 21.87 -20.83 -17.92
C GLN A 459 21.04 -21.17 -16.69
N TYR A 460 20.67 -20.15 -15.92
CA TYR A 460 19.84 -20.32 -14.75
C TYR A 460 18.46 -20.82 -15.15
N THR A 461 17.96 -21.82 -14.42
CA THR A 461 16.59 -22.29 -14.57
C THR A 461 15.68 -21.38 -13.77
N LEU A 462 14.37 -21.53 -13.95
CA LEU A 462 13.39 -20.77 -13.17
C LEU A 462 13.42 -21.18 -11.70
N LYS A 463 13.74 -22.44 -11.43
CA LYS A 463 13.90 -22.92 -10.05
C LYS A 463 15.05 -22.25 -9.32
N GLN A 464 16.09 -21.85 -10.04
CA GLN A 464 17.24 -21.18 -9.44
C GLN A 464 17.04 -19.66 -9.37
N LEU A 465 16.40 -19.10 -10.39
CA LEU A 465 16.31 -17.65 -10.57
C LEU A 465 15.21 -17.00 -9.72
N LEU A 466 14.06 -17.67 -9.65
CA LEU A 466 12.89 -17.11 -8.99
C LEU A 466 13.01 -16.97 -7.47
N PRO A 467 13.51 -18.01 -6.77
CA PRO A 467 13.67 -17.84 -5.32
C PRO A 467 14.87 -16.95 -5.00
N SER A 468 14.68 -15.64 -5.16
CA SER A 468 15.71 -14.63 -4.97
C SER A 468 15.05 -13.26 -4.89
N THR A 469 15.79 -12.27 -4.40
CA THR A 469 15.30 -10.90 -4.38
C THR A 469 15.04 -10.38 -5.80
N ILE A 470 15.93 -10.71 -6.73
CA ILE A 470 15.73 -10.40 -8.15
C ILE A 470 14.44 -11.06 -8.66
N GLY A 471 14.27 -12.35 -8.36
CA GLY A 471 13.06 -13.08 -8.74
C GLY A 471 11.77 -12.48 -8.17
N ARG A 472 11.85 -12.01 -6.92
CA ARG A 472 10.69 -11.43 -6.24
C ARG A 472 10.29 -10.10 -6.87
N THR A 473 11.30 -9.30 -7.22
CA THR A 473 11.12 -8.04 -7.93
C THR A 473 10.55 -8.29 -9.34
N LEU A 474 11.08 -9.30 -10.02
CA LEU A 474 10.62 -9.69 -11.37
C LEU A 474 9.14 -10.06 -11.39
N ALA A 475 8.73 -10.93 -10.47
CA ALA A 475 7.34 -11.42 -10.44
C ALA A 475 6.33 -10.29 -10.24
N ARG A 476 6.72 -9.29 -9.45
CA ARG A 476 5.88 -8.12 -9.22
C ARG A 476 5.61 -7.38 -10.53
N ALA A 477 6.66 -7.18 -11.32
CA ALA A 477 6.54 -6.51 -12.62
C ALA A 477 5.67 -7.32 -13.60
N LEU A 478 5.91 -8.62 -13.67
CA LEU A 478 5.10 -9.51 -14.53
C LEU A 478 3.63 -9.56 -14.11
N GLU A 479 3.37 -9.56 -12.82
CA GLU A 479 2.00 -9.55 -12.32
C GLU A 479 1.30 -8.25 -12.73
N SER A 480 1.99 -7.12 -12.62
CA SER A 480 1.46 -5.84 -13.09
C SER A 480 1.02 -5.93 -14.54
N GLN A 481 1.89 -6.50 -15.39
CA GLN A 481 1.62 -6.61 -16.81
C GLN A 481 0.41 -7.50 -17.08
N TYR A 482 0.36 -8.62 -16.39
CA TYR A 482 -0.72 -9.57 -16.52
C TYR A 482 -2.07 -8.99 -16.04
N CYS A 483 -2.04 -8.23 -14.95
CA CYS A 483 -3.24 -7.60 -14.43
C CYS A 483 -3.81 -6.56 -15.40
N GLY A 484 -2.93 -5.82 -16.05
CA GLY A 484 -3.32 -4.88 -17.11
C GLY A 484 -3.99 -5.59 -18.27
N GLU A 485 -3.39 -6.70 -18.70
CA GLU A 485 -3.95 -7.52 -19.77
C GLU A 485 -5.31 -8.10 -19.39
N MET A 486 -5.47 -8.55 -18.14
CA MET A 486 -6.75 -9.10 -17.69
C MET A 486 -7.87 -8.05 -17.65
N MET A 487 -7.59 -6.85 -17.15
CA MET A 487 -8.66 -5.86 -17.01
C MET A 487 -9.08 -5.29 -18.36
N HIS A 488 -8.17 -5.41 -19.32
CA HIS A 488 -8.47 -5.09 -20.71
C HIS A 488 -9.58 -6.02 -21.23
N SER A 489 -9.44 -7.32 -20.93
CA SER A 489 -10.48 -8.30 -21.25
C SER A 489 -11.76 -8.10 -20.41
N ASP A 490 -11.59 -7.79 -19.12
CA ASP A 490 -12.73 -7.50 -18.24
C ASP A 490 -13.59 -6.35 -18.76
N TRP A 491 -12.93 -5.29 -19.22
CA TRP A 491 -13.62 -4.14 -19.79
C TRP A 491 -14.54 -4.57 -20.95
N HIS A 492 -14.01 -5.33 -21.88
CA HIS A 492 -14.79 -5.85 -23.01
C HIS A 492 -15.97 -6.71 -22.55
N ASP A 493 -15.77 -7.54 -21.54
CA ASP A 493 -16.87 -8.38 -21.02
C ASP A 493 -17.95 -7.53 -20.38
N LEU A 494 -17.52 -6.48 -19.67
CA LEU A 494 -18.44 -5.53 -19.01
C LEU A 494 -19.29 -4.81 -20.02
N VAL A 495 -18.66 -4.26 -21.05
CA VAL A 495 -19.37 -3.48 -22.07
C VAL A 495 -20.32 -4.39 -22.85
N ALA A 496 -19.87 -5.61 -23.16
CA ALA A 496 -20.71 -6.58 -23.85
C ALA A 496 -21.95 -6.94 -23.03
N ASN A 497 -21.78 -7.15 -21.73
CA ASN A 497 -22.89 -7.49 -20.84
C ASN A 497 -23.92 -6.37 -20.74
N ILE A 498 -23.43 -5.14 -20.64
CA ILE A 498 -24.30 -3.96 -20.62
C ILE A 498 -25.10 -3.84 -21.93
N ARG A 499 -24.40 -4.00 -23.06
CA ARG A 499 -25.03 -3.88 -24.38
C ARG A 499 -26.02 -5.00 -24.65
N ALA A 500 -25.84 -6.15 -24.02
CA ALA A 500 -26.78 -7.28 -24.13
C ALA A 500 -28.07 -7.05 -23.35
N GLY A 501 -28.07 -6.04 -22.47
CA GLY A 501 -29.28 -5.66 -21.74
C GLY A 501 -29.15 -5.70 -20.22
N ASP A 502 -28.07 -6.29 -19.70
CA ASP A 502 -27.88 -6.41 -18.26
C ASP A 502 -27.16 -5.18 -17.69
N THR A 503 -27.94 -4.31 -17.05
CA THR A 503 -27.41 -3.07 -16.46
CA THR A 503 -27.45 -3.06 -16.48
C THR A 503 -27.30 -3.17 -14.94
N ALA A 504 -27.63 -4.34 -14.38
CA ALA A 504 -27.64 -4.53 -12.92
C ALA A 504 -26.26 -4.30 -12.28
N THR A 505 -26.25 -3.61 -11.15
CA THR A 505 -25.00 -3.34 -10.41
C THR A 505 -25.06 -3.65 -8.92
N ALA A 506 -26.24 -3.89 -8.36
CA ALA A 506 -26.34 -4.24 -6.94
C ALA A 506 -27.47 -5.22 -6.69
N ASN A 507 -27.21 -6.20 -5.84
CA ASN A 507 -28.25 -7.10 -5.35
C ASN A 507 -28.61 -6.63 -3.94
N VAL A 508 -29.85 -6.18 -3.77
CA VAL A 508 -30.30 -5.56 -2.52
C VAL A 508 -31.32 -6.42 -1.76
N ASP A 509 -31.49 -7.67 -2.18
CA ASP A 509 -32.46 -8.58 -1.55
C ASP A 509 -32.20 -8.75 -0.04
N LYS A 510 -30.92 -8.74 0.35
CA LYS A 510 -30.54 -8.93 1.75
C LYS A 510 -29.78 -7.72 2.30
N TRP A 511 -30.10 -6.53 1.78
CA TRP A 511 -29.52 -5.30 2.28
C TRP A 511 -30.03 -4.98 3.68
N ASP A 512 -31.32 -5.20 3.91
CA ASP A 512 -31.92 -4.92 5.21
C ASP A 512 -31.60 -6.04 6.22
N PRO A 513 -31.12 -5.68 7.42
CA PRO A 513 -30.77 -6.65 8.46
C PRO A 513 -31.91 -7.57 8.94
N ALA A 514 -33.16 -7.16 8.72
CA ALA A 514 -34.31 -7.99 9.06
C ALA A 514 -34.39 -9.27 8.22
N THR A 515 -33.68 -9.28 7.08
CA THR A 515 -33.62 -10.49 6.23
C THR A 515 -32.48 -11.45 6.58
N TRP A 516 -31.57 -11.02 7.47
CA TRP A 516 -30.38 -11.80 7.75
C TRP A 516 -30.67 -12.96 8.70
N PRO A 517 -29.87 -14.02 8.64
CA PRO A 517 -29.93 -14.97 9.74
C PRO A 517 -29.39 -14.32 11.02
N LEU A 518 -29.92 -14.69 12.16
CA LEU A 518 -29.54 -14.07 13.43
C LEU A 518 -28.08 -14.33 13.79
N GLN A 519 -27.52 -15.41 13.25
CA GLN A 519 -26.09 -15.71 13.34
C GLN A 519 -25.54 -16.08 11.99
N ALA A 520 -24.30 -15.68 11.74
CA ALA A 520 -23.64 -16.01 10.48
C ALA A 520 -22.16 -15.75 10.59
N LYS A 521 -21.39 -16.49 9.79
CA LYS A 521 -19.97 -16.21 9.64
C LYS A 521 -19.61 -16.27 8.19
N GLY A 522 -18.60 -15.49 7.80
CA GLY A 522 -18.13 -15.48 6.43
C GLY A 522 -16.66 -15.17 6.34
N VAL A 523 -16.10 -15.50 5.17
CA VAL A 523 -14.72 -15.18 4.86
C VAL A 523 -14.66 -14.57 3.45
N GLY A 524 -13.85 -13.53 3.32
CA GLY A 524 -13.54 -12.92 2.03
C GLY A 524 -12.05 -12.96 1.84
N THR A 525 -11.61 -13.47 0.67
CA THR A 525 -10.19 -13.47 0.32
C THR A 525 -9.95 -12.67 -0.96
N VAL A 526 -8.74 -12.13 -1.04
CA VAL A 526 -8.31 -11.27 -2.12
C VAL A 526 -6.84 -11.56 -2.36
N ALA A 527 -6.44 -11.70 -3.62
CA ALA A 527 -5.03 -11.64 -3.97
C ALA A 527 -4.61 -10.18 -4.04
N ALA A 528 -4.31 -9.64 -2.86
CA ALA A 528 -3.85 -8.27 -2.71
C ALA A 528 -2.44 -8.09 -3.32
N PRO A 529 -2.04 -6.84 -3.63
CA PRO A 529 -0.74 -6.59 -4.25
C PRO A 529 0.44 -7.32 -3.59
N ARG A 530 0.38 -7.49 -2.27
CA ARG A 530 1.49 -8.04 -1.51
C ARG A 530 1.33 -9.51 -1.15
N GLY A 531 0.19 -10.11 -1.49
CA GLY A 531 -0.01 -11.54 -1.27
C GLY A 531 -1.43 -11.90 -0.84
N ALA A 532 -1.53 -12.94 -0.01
CA ALA A 532 -2.80 -13.52 0.39
C ALA A 532 -3.46 -12.72 1.51
N LEU A 533 -4.60 -12.12 1.20
CA LEU A 533 -5.38 -11.34 2.16
C LEU A 533 -6.68 -12.05 2.48
N GLY A 534 -7.03 -12.09 3.76
CA GLY A 534 -8.33 -12.62 4.19
C GLY A 534 -8.96 -11.80 5.29
N HIS A 535 -10.27 -11.61 5.21
CA HIS A 535 -11.08 -11.06 6.31
C HIS A 535 -12.07 -12.11 6.74
N TRP A 536 -12.13 -12.36 8.04
CA TRP A 536 -13.08 -13.35 8.61
C TRP A 536 -14.04 -12.65 9.57
N ILE A 537 -15.34 -12.85 9.35
CA ILE A 537 -16.37 -12.13 10.12
C ILE A 537 -17.33 -13.09 10.81
N ARG A 538 -17.77 -12.70 12.02
CA ARG A 538 -18.91 -13.33 12.67
C ARG A 538 -19.97 -12.25 12.90
N ILE A 539 -21.20 -12.56 12.52
CA ILE A 539 -22.34 -11.65 12.67
C ILE A 539 -23.31 -12.23 13.70
N LYS A 540 -23.74 -11.40 14.65
CA LYS A 540 -24.77 -11.78 15.61
C LYS A 540 -25.76 -10.63 15.76
N ASP A 541 -27.06 -10.94 15.60
CA ASP A 541 -28.15 -9.97 15.71
C ASP A 541 -27.90 -8.66 14.96
N GLY A 542 -27.41 -8.80 13.72
CA GLY A 542 -27.17 -7.66 12.85
C GLY A 542 -25.90 -6.87 13.12
N ARG A 543 -25.08 -7.30 14.09
CA ARG A 543 -23.85 -6.59 14.45
C ARG A 543 -22.64 -7.50 14.25
N ILE A 544 -21.46 -6.88 14.15
CA ILE A 544 -20.21 -7.60 14.09
C ILE A 544 -19.87 -8.15 15.47
N GLU A 545 -19.81 -9.48 15.57
CA GLU A 545 -19.42 -10.16 16.81
C GLU A 545 -17.89 -10.30 16.86
N ASN A 546 -17.30 -10.70 15.74
CA ASN A 546 -15.86 -10.80 15.62
C ASN A 546 -15.43 -10.41 14.21
N TYR A 547 -14.31 -9.70 14.10
CA TYR A 547 -13.77 -9.35 12.80
C TYR A 547 -12.26 -9.51 12.89
N GLN A 548 -11.71 -10.44 12.11
CA GLN A 548 -10.28 -10.70 12.12
C GLN A 548 -9.69 -10.64 10.72
N CYS A 549 -8.58 -9.90 10.59
CA CYS A 549 -7.87 -9.78 9.32
C CYS A 549 -6.52 -10.50 9.41
N VAL A 550 -6.20 -11.28 8.38
CA VAL A 550 -4.86 -11.79 8.17
C VAL A 550 -4.38 -11.28 6.81
N VAL A 551 -3.31 -10.50 6.84
CA VAL A 551 -2.96 -9.59 5.76
C VAL A 551 -1.60 -10.04 5.20
N PRO A 552 -1.32 -9.75 3.91
CA PRO A 552 -0.11 -10.31 3.31
C PRO A 552 1.19 -10.04 4.06
N THR A 553 1.37 -8.81 4.52
CA THR A 553 2.59 -8.43 5.21
C THR A 553 2.58 -9.02 6.64
N THR A 554 1.40 -9.38 7.16
CA THR A 554 1.32 -10.17 8.39
C THR A 554 2.02 -11.52 8.19
N TRP A 555 1.75 -12.18 7.06
CA TRP A 555 2.45 -13.42 6.72
C TRP A 555 3.96 -13.17 6.58
N ASN A 556 4.32 -12.26 5.69
CA ASN A 556 5.73 -12.06 5.34
C ASN A 556 6.55 -11.48 6.49
N GLY A 557 6.02 -10.45 7.15
CA GLY A 557 6.74 -9.79 8.22
C GLY A 557 6.64 -10.43 9.59
N SER A 558 6.03 -11.61 9.67
CA SER A 558 5.72 -12.23 10.96
CA SER A 558 5.72 -12.29 10.94
C SER A 558 6.96 -12.51 11.81
N PRO A 559 6.81 -12.32 13.15
CA PRO A 559 7.86 -12.77 14.04
C PRO A 559 7.77 -14.29 14.20
N ARG A 560 8.63 -14.86 15.02
CA ARG A 560 8.70 -16.30 15.16
C ARG A 560 7.45 -16.86 15.81
N ASP A 561 7.15 -18.13 15.52
CA ASP A 561 5.97 -18.79 16.08
C ASP A 561 6.34 -19.57 17.34
N TYR A 562 5.42 -20.38 17.85
CA TYR A 562 5.66 -21.16 19.07
C TYR A 562 6.83 -22.13 18.91
N LYS A 563 6.94 -22.74 17.73
CA LYS A 563 8.06 -23.63 17.42
C LYS A 563 9.37 -22.89 17.10
N GLY A 564 9.32 -21.55 17.04
CA GLY A 564 10.51 -20.74 16.72
C GLY A 564 10.81 -20.63 15.24
N GLN A 565 9.88 -21.06 14.39
CA GLN A 565 10.06 -20.94 12.95
C GLN A 565 10.00 -19.49 12.52
N ILE A 566 10.87 -19.11 11.60
CA ILE A 566 10.98 -17.73 11.14
C ILE A 566 10.07 -17.48 9.93
N GLY A 567 9.65 -16.24 9.78
CA GLY A 567 8.84 -15.80 8.63
C GLY A 567 9.68 -15.35 7.46
N ALA A 568 9.01 -14.92 6.38
CA ALA A 568 9.69 -14.64 5.11
C ALA A 568 10.76 -13.53 5.18
N PHE A 569 10.47 -12.42 5.85
CA PHE A 569 11.43 -11.31 5.95
C PHE A 569 12.72 -11.85 6.56
N GLU A 570 12.61 -12.46 7.73
CA GLU A 570 13.78 -12.91 8.48
C GLU A 570 14.59 -13.97 7.69
N ALA A 571 13.90 -14.91 7.04
CA ALA A 571 14.55 -15.92 6.21
C ALA A 571 15.27 -15.32 4.99
N SER A 572 14.69 -14.27 4.40
CA SER A 572 15.25 -13.67 3.18
C SER A 572 16.51 -12.86 3.43
N LEU A 573 16.65 -12.32 4.64
CA LEU A 573 17.84 -11.56 5.02
C LEU A 573 19.01 -12.46 5.36
N MET A 574 18.71 -13.68 5.80
CA MET A 574 19.73 -14.65 6.17
C MET A 574 20.71 -14.89 5.05
N ASN A 575 21.98 -15.08 5.44
CA ASN A 575 23.04 -15.54 4.55
C ASN A 575 23.41 -14.53 3.48
N THR A 576 23.17 -13.25 3.76
CA THR A 576 23.41 -12.19 2.80
C THR A 576 24.61 -11.36 3.26
N PRO A 577 25.64 -11.25 2.41
CA PRO A 577 26.78 -10.40 2.75
C PRO A 577 26.44 -8.91 2.66
N MET A 578 27.01 -8.10 3.55
CA MET A 578 26.88 -6.65 3.49
C MET A 578 28.23 -6.03 3.17
N VAL A 579 28.24 -5.15 2.18
CA VAL A 579 29.46 -4.44 1.81
C VAL A 579 29.93 -3.60 3.00
N ASN A 580 28.99 -2.85 3.58
CA ASN A 580 29.26 -2.08 4.80
C ASN A 580 28.16 -2.35 5.83
N PRO A 581 28.52 -2.97 6.97
CA PRO A 581 27.51 -3.26 7.99
C PRO A 581 26.78 -2.03 8.54
N GLU A 582 27.40 -0.85 8.47
CA GLU A 582 26.74 0.40 8.88
C GLU A 582 25.86 1.03 7.80
N GLN A 583 25.83 0.45 6.59
CA GLN A 583 24.94 0.90 5.52
C GLN A 583 23.97 -0.21 5.12
N PRO A 584 22.67 -0.06 5.41
CA PRO A 584 21.73 -1.16 5.23
C PRO A 584 21.26 -1.35 3.79
N VAL A 585 22.15 -1.18 2.82
CA VAL A 585 21.76 -1.23 1.41
C VAL A 585 21.16 -2.57 1.02
N GLU A 586 21.81 -3.67 1.41
CA GLU A 586 21.36 -5.02 1.05
C GLU A 586 20.13 -5.39 1.84
N ILE A 587 20.04 -4.89 3.07
CA ILE A 587 18.87 -5.14 3.92
C ILE A 587 17.63 -4.50 3.31
N LEU A 588 17.77 -3.23 2.92
CA LEU A 588 16.67 -2.52 2.28
C LEU A 588 16.27 -3.15 0.96
N ARG A 589 17.25 -3.53 0.15
CA ARG A 589 16.97 -4.11 -1.17
C ARG A 589 16.08 -5.35 -1.05
N THR A 590 16.44 -6.26 -0.15
CA THR A 590 15.69 -7.50 0.03
C THR A 590 14.35 -7.27 0.74
N LEU A 591 14.35 -6.52 1.85
CA LEU A 591 13.09 -6.18 2.54
C LEU A 591 12.11 -5.52 1.58
N HIS A 592 12.58 -4.53 0.83
CA HIS A 592 11.75 -3.82 -0.12
C HIS A 592 11.19 -4.72 -1.21
N SER A 593 11.90 -5.79 -1.56
CA SER A 593 11.40 -6.72 -2.58
C SER A 593 10.09 -7.43 -2.18
N PHE A 594 9.78 -7.46 -0.87
CA PHE A 594 8.46 -7.92 -0.37
C PHE A 594 7.39 -6.82 -0.38
N ASP A 595 7.80 -5.58 -0.67
CA ASP A 595 6.90 -4.43 -0.64
C ASP A 595 6.18 -4.34 0.72
N PRO A 596 6.95 -4.16 1.81
CA PRO A 596 6.31 -4.27 3.13
C PRO A 596 5.30 -3.14 3.38
N CYS A 597 4.11 -3.52 3.82
CA CYS A 597 3.10 -2.56 4.26
C CYS A 597 2.75 -2.83 5.72
N LEU A 598 3.32 -2.01 6.60
CA LEU A 598 3.28 -2.30 8.02
C LEU A 598 1.96 -1.96 8.66
N ALA A 599 1.27 -0.93 8.15
CA ALA A 599 -0.08 -0.64 8.61
C ALA A 599 -1.00 -1.82 8.29
N CYS A 600 -0.85 -2.36 7.09
CA CYS A 600 -1.52 -3.58 6.69
C CYS A 600 -1.22 -4.73 7.62
N SER A 601 0.06 -4.93 7.92
CA SER A 601 0.50 -6.10 8.66
C SER A 601 -0.09 -6.14 10.07
N THR A 602 -0.32 -4.97 10.64
CA THR A 602 -0.74 -4.85 12.04
C THR A 602 -2.21 -4.48 12.21
N HIS A 603 -2.72 -3.59 11.34
CA HIS A 603 -4.12 -3.15 11.36
C HIS A 603 -4.66 -2.85 12.77
N PRO B 5 16.69 29.67 -1.64
CA PRO B 5 16.52 28.28 -1.21
C PRO B 5 15.06 27.87 -1.04
N ARG B 6 14.79 26.58 -1.19
CA ARG B 6 13.43 26.04 -1.05
C ARG B 6 13.14 25.69 0.41
N THR B 7 11.91 25.98 0.87
CA THR B 7 11.56 25.81 2.29
C THR B 7 11.55 24.33 2.68
N PRO B 8 12.30 23.97 3.73
CA PRO B 8 12.31 22.57 4.16
C PRO B 8 10.98 22.13 4.75
N VAL B 9 10.52 20.96 4.33
CA VAL B 9 9.36 20.31 4.89
C VAL B 9 9.84 19.02 5.55
N LEU B 10 9.56 18.87 6.84
CA LEU B 10 9.78 17.61 7.53
C LEU B 10 8.42 16.94 7.69
N TRP B 11 8.25 15.82 7.00
CA TRP B 11 6.97 15.13 6.89
C TRP B 11 7.02 13.88 7.76
N LEU B 12 6.43 13.95 8.96
CA LEU B 12 6.43 12.82 9.89
C LEU B 12 5.17 11.99 9.74
N HIS B 13 5.31 10.70 10.06
CA HIS B 13 4.21 9.74 10.01
C HIS B 13 4.01 9.12 11.38
N GLY B 14 2.80 9.24 11.92
CA GLY B 14 2.44 8.57 13.18
C GLY B 14 1.67 7.27 12.88
N LEU B 15 0.65 7.00 13.69
CA LEU B 15 -0.32 5.95 13.35
C LEU B 15 -1.18 6.45 12.19
N GLU B 16 -1.18 5.70 11.10
CA GLU B 16 -1.68 6.19 9.81
C GLU B 16 -1.94 5.03 8.88
N CYS B 17 -2.66 5.31 7.80
CA CYS B 17 -2.79 4.37 6.70
C CYS B 17 -2.01 4.81 5.45
N THR B 18 -1.46 6.03 5.48
CA THR B 18 -0.62 6.60 4.40
C THR B 18 -1.44 7.11 3.18
N CYS B 19 -2.73 7.35 3.38
CA CYS B 19 -3.58 7.87 2.28
C CYS B 19 -3.28 9.32 1.92
N CYS B 20 -2.79 10.12 2.86
CA CYS B 20 -2.52 11.52 2.59
C CYS B 20 -1.27 11.66 1.72
N SER B 21 -0.25 10.84 1.99
CA SER B 21 0.94 10.76 1.14
C SER B 21 0.58 10.35 -0.30
N GLU B 22 -0.25 9.33 -0.42
CA GLU B 22 -0.69 8.86 -1.72
C GLU B 22 -1.48 9.94 -2.43
N SER B 23 -2.45 10.52 -1.74
CA SER B 23 -3.25 11.59 -2.32
C SER B 23 -2.37 12.75 -2.79
N PHE B 24 -1.40 13.14 -1.96
CA PHE B 24 -0.45 14.19 -2.33
C PHE B 24 0.15 13.99 -3.72
N ILE B 25 0.62 12.79 -4.02
CA ILE B 25 1.26 12.53 -5.32
C ILE B 25 0.26 12.39 -6.50
N ARG B 26 -1.03 12.39 -6.21
CA ARG B 26 -2.06 12.42 -7.26
C ARG B 26 -2.27 13.83 -7.82
N SER B 27 -1.68 14.85 -7.20
CA SER B 27 -1.90 16.24 -7.59
C SER B 27 -1.45 16.53 -9.02
N ALA B 28 -2.33 17.15 -9.81
CA ALA B 28 -2.00 17.55 -11.19
C ALA B 28 -1.52 19.01 -11.27
N HIS B 29 -2.13 19.87 -10.46
CA HIS B 29 -1.82 21.30 -10.50
C HIS B 29 -1.59 21.83 -9.08
N PRO B 30 -0.32 21.90 -8.64
CA PRO B 30 0.91 21.46 -9.32
C PRO B 30 1.15 19.96 -9.19
N LEU B 31 2.05 19.45 -10.02
CA LEU B 31 2.51 18.07 -9.95
C LEU B 31 3.36 17.90 -8.70
N ALA B 32 3.21 16.77 -8.01
CA ALA B 32 4.05 16.45 -6.86
C ALA B 32 5.53 16.49 -7.22
N LYS B 33 5.85 16.00 -8.41
CA LYS B 33 7.22 16.05 -8.93
C LYS B 33 7.79 17.48 -8.87
N ASP B 34 6.99 18.46 -9.32
CA ASP B 34 7.42 19.87 -9.31
C ASP B 34 7.45 20.45 -7.90
N VAL B 35 6.53 20.02 -7.05
CA VAL B 35 6.57 20.41 -5.64
C VAL B 35 7.91 20.03 -5.00
N VAL B 36 8.28 18.76 -5.18
CA VAL B 36 9.48 18.18 -4.57
C VAL B 36 10.78 18.75 -5.15
N LEU B 37 10.84 18.90 -6.47
CA LEU B 37 12.05 19.39 -7.14
C LEU B 37 12.19 20.92 -7.09
N SER B 38 11.07 21.64 -7.22
CA SER B 38 11.13 23.09 -7.47
C SER B 38 10.52 24.01 -6.39
N MET B 39 9.72 23.48 -5.46
CA MET B 39 9.01 24.36 -4.49
C MET B 39 9.52 24.18 -3.06
N ILE B 40 9.42 22.96 -2.54
CA ILE B 40 9.87 22.66 -1.18
C ILE B 40 11.14 21.86 -1.21
N SER B 41 11.70 21.60 -0.03
CA SER B 41 12.78 20.62 0.16
C SER B 41 12.30 19.54 1.11
N LEU B 42 11.88 18.40 0.56
CA LEU B 42 11.31 17.30 1.34
C LEU B 42 12.47 16.50 1.95
N ASP B 43 12.96 16.95 3.11
CA ASP B 43 14.19 16.43 3.69
C ASP B 43 13.98 15.22 4.57
N TYR B 44 12.77 15.05 5.09
CA TYR B 44 12.42 13.86 5.84
C TYR B 44 11.01 13.43 5.47
N ASP B 45 10.86 12.14 5.19
CA ASP B 45 9.59 11.53 4.79
C ASP B 45 9.84 10.04 4.61
N ASP B 46 9.30 9.22 5.51
CA ASP B 46 9.61 7.77 5.56
C ASP B 46 9.31 7.04 4.25
N THR B 47 8.31 7.52 3.52
CA THR B 47 7.82 6.80 2.35
C THR B 47 8.69 6.95 1.11
N LEU B 48 9.43 8.06 0.98
CA LEU B 48 10.23 8.34 -0.23
C LEU B 48 11.74 8.45 -0.01
N MET B 49 12.17 8.67 1.23
CA MET B 49 13.56 9.05 1.49
C MET B 49 14.55 7.90 1.28
N ALA B 50 15.70 8.23 0.71
CA ALA B 50 16.74 7.25 0.41
C ALA B 50 17.37 6.64 1.67
N ALA B 51 17.69 7.51 2.63
CA ALA B 51 18.34 7.10 3.88
C ALA B 51 17.37 6.39 4.82
N ALA B 52 17.90 5.48 5.63
CA ALA B 52 17.12 4.75 6.63
C ALA B 52 17.86 4.77 7.96
N GLY B 53 17.16 4.34 9.02
CA GLY B 53 17.79 4.15 10.33
C GLY B 53 18.56 5.37 10.84
N HIS B 54 19.81 5.16 11.21
CA HIS B 54 20.63 6.22 11.83
C HIS B 54 20.82 7.41 10.88
N GLN B 55 20.91 7.10 9.59
CA GLN B 55 21.15 8.11 8.56
C GLN B 55 19.91 8.97 8.37
N ALA B 56 18.74 8.32 8.45
CA ALA B 56 17.47 9.03 8.35
C ALA B 56 17.26 9.98 9.53
N GLU B 57 17.50 9.50 10.75
CA GLU B 57 17.27 10.31 11.95
CA GLU B 57 17.28 10.30 11.96
C GLU B 57 18.28 11.47 12.07
N ALA B 58 19.49 11.27 11.57
CA ALA B 58 20.51 12.33 11.57
C ALA B 58 20.07 13.58 10.76
N ILE B 59 19.27 13.36 9.72
CA ILE B 59 18.74 14.46 8.90
C ILE B 59 17.91 15.45 9.71
N LEU B 60 17.15 14.95 10.69
CA LEU B 60 16.27 15.79 11.50
C LEU B 60 17.03 16.90 12.24
N GLU B 61 18.07 16.55 12.99
CA GLU B 61 18.79 17.58 13.75
C GLU B 61 19.55 18.54 12.82
N GLU B 62 20.01 18.04 11.68
CA GLU B 62 20.72 18.88 10.71
C GLU B 62 19.81 19.99 10.16
N ILE B 63 18.60 19.61 9.77
CA ILE B 63 17.66 20.56 9.19
C ILE B 63 17.13 21.54 10.26
N MET B 64 16.87 21.02 11.46
CA MET B 64 16.33 21.84 12.55
C MET B 64 17.32 22.91 13.00
N THR B 65 18.60 22.54 13.06
CA THR B 65 19.67 23.48 13.39
C THR B 65 19.79 24.57 12.31
N LYS B 66 19.89 24.14 11.06
CA LYS B 66 20.17 25.06 9.95
C LYS B 66 18.97 25.94 9.60
N TYR B 67 17.76 25.39 9.70
CA TYR B 67 16.54 26.11 9.32
C TYR B 67 15.62 26.34 10.52
N LYS B 68 16.22 26.59 11.69
CA LYS B 68 15.47 26.79 12.93
C LYS B 68 14.39 27.85 12.77
N GLY B 69 13.15 27.48 13.10
CA GLY B 69 12.01 28.40 12.99
C GLY B 69 11.76 28.87 11.56
N ASN B 70 12.20 28.07 10.59
CA ASN B 70 11.98 28.36 9.18
C ASN B 70 11.77 27.09 8.33
N TYR B 71 11.30 26.02 8.97
CA TYR B 71 10.84 24.82 8.27
C TYR B 71 9.40 24.54 8.64
N ILE B 72 8.71 23.83 7.75
CA ILE B 72 7.33 23.41 7.97
C ILE B 72 7.34 21.97 8.44
N LEU B 73 6.65 21.70 9.54
CA LEU B 73 6.41 20.34 9.98
C LEU B 73 5.06 19.88 9.45
N ALA B 74 5.08 18.86 8.59
CA ALA B 74 3.87 18.20 8.12
C ALA B 74 3.71 16.90 8.89
N VAL B 75 2.52 16.67 9.42
CA VAL B 75 2.25 15.46 10.19
C VAL B 75 1.11 14.70 9.55
N GLU B 76 1.43 13.47 9.14
CA GLU B 76 0.44 12.50 8.74
C GLU B 76 0.27 11.49 9.88
N GLY B 77 -0.98 11.16 10.20
CA GLY B 77 -1.25 10.26 11.29
C GLY B 77 -1.15 10.95 12.62
N ASN B 78 -1.09 10.15 13.69
CA ASN B 78 -1.15 10.67 15.04
C ASN B 78 -0.46 9.78 16.08
N PRO B 79 -0.19 10.32 17.29
CA PRO B 79 0.42 9.58 18.38
C PRO B 79 -0.57 8.85 19.27
N PRO B 80 -0.25 7.60 19.66
CA PRO B 80 -1.02 6.90 20.67
C PRO B 80 -0.52 7.22 22.09
N LEU B 81 -1.43 7.30 23.06
CA LEU B 81 -1.05 7.53 24.45
C LEU B 81 -1.07 6.24 25.30
N ASN B 82 -1.78 5.20 24.84
CA ASN B 82 -1.74 3.91 25.54
C ASN B 82 -0.52 3.13 25.11
N GLN B 83 -0.27 1.99 25.78
CA GLN B 83 0.93 1.17 25.57
C GLN B 83 2.24 1.96 25.80
N ASP B 84 2.19 2.94 26.71
CA ASP B 84 3.30 3.88 26.97
C ASP B 84 3.80 4.58 25.70
N GLY B 85 2.90 4.77 24.73
CA GLY B 85 3.23 5.36 23.43
C GLY B 85 3.90 4.42 22.44
N MET B 86 4.11 3.16 22.83
CA MET B 86 4.89 2.22 22.01
C MET B 86 4.03 1.38 21.07
N SER B 87 2.78 1.79 20.89
CA SER B 87 1.97 1.28 19.78
C SER B 87 2.32 2.07 18.51
N CYS B 88 3.24 3.03 18.63
CA CYS B 88 3.92 3.60 17.46
C CYS B 88 5.36 3.96 17.83
N ILE B 89 6.30 3.10 17.43
CA ILE B 89 7.71 3.23 17.79
C ILE B 89 8.52 3.74 16.61
N ILE B 90 9.35 4.74 16.86
CA ILE B 90 10.33 5.21 15.86
C ILE B 90 11.67 5.41 16.53
N GLY B 91 12.71 4.78 15.98
CA GLY B 91 14.05 4.78 16.59
C GLY B 91 14.06 4.29 18.03
N GLY B 92 13.24 3.28 18.31
CA GLY B 92 13.16 2.69 19.62
C GLY B 92 12.38 3.49 20.65
N ARG B 93 11.80 4.60 20.23
CA ARG B 93 11.13 5.53 21.15
C ARG B 93 9.71 5.82 20.68
N PRO B 94 8.84 6.29 21.58
CA PRO B 94 7.49 6.60 21.15
C PRO B 94 7.49 7.72 20.11
N PHE B 95 6.57 7.63 19.15
CA PHE B 95 6.42 8.66 18.13
C PHE B 95 6.18 10.04 18.75
N ILE B 96 5.41 10.08 19.84
CA ILE B 96 5.07 11.35 20.49
C ILE B 96 6.31 12.14 20.92
N GLU B 97 7.41 11.44 21.22
CA GLU B 97 8.69 12.09 21.49
C GLU B 97 9.29 12.72 20.23
N GLN B 98 9.21 12.04 19.10
CA GLN B 98 9.72 12.60 17.85
C GLN B 98 8.87 13.81 17.44
N LEU B 99 7.56 13.68 17.58
CA LEU B 99 6.62 14.75 17.21
C LEU B 99 6.90 16.04 17.98
N LYS B 100 6.98 15.92 19.30
CA LYS B 100 7.25 17.07 20.18
C LYS B 100 8.63 17.69 19.92
N TYR B 101 9.63 16.86 19.65
CA TYR B 101 10.98 17.35 19.37
C TYR B 101 11.02 18.17 18.08
N VAL B 102 10.44 17.64 17.02
CA VAL B 102 10.45 18.33 15.71
C VAL B 102 9.53 19.55 15.70
N ALA B 103 8.43 19.50 16.44
CA ALA B 103 7.47 20.60 16.48
C ALA B 103 7.98 21.90 17.13
N LYS B 104 8.93 21.78 18.07
CA LYS B 104 9.35 22.93 18.87
CA LYS B 104 9.36 22.93 18.88
C LYS B 104 10.06 24.04 18.07
N ASP B 105 10.67 23.69 16.94
CA ASP B 105 11.35 24.69 16.11
C ASP B 105 10.71 24.89 14.73
N ALA B 106 9.50 24.38 14.53
CA ALA B 106 8.81 24.54 13.26
C ALA B 106 8.15 25.90 13.20
N LYS B 107 8.22 26.57 12.05
CA LYS B 107 7.51 27.85 11.89
C LYS B 107 6.01 27.64 11.65
N ALA B 108 5.63 26.46 11.21
CA ALA B 108 4.24 26.12 10.99
C ALA B 108 4.06 24.62 11.04
N ILE B 109 2.85 24.19 11.40
CA ILE B 109 2.54 22.76 11.49
C ILE B 109 1.28 22.45 10.69
N ILE B 110 1.39 21.48 9.79
CA ILE B 110 0.27 21.02 8.99
C ILE B 110 -0.17 19.67 9.50
N SER B 111 -1.44 19.57 9.92
CA SER B 111 -2.07 18.29 10.23
C SER B 111 -2.72 17.78 8.96
N TRP B 112 -2.06 16.84 8.28
CA TRP B 112 -2.61 16.23 7.07
C TRP B 112 -3.67 15.23 7.46
N GLY B 113 -4.87 15.40 6.90
CA GLY B 113 -5.89 14.36 6.95
C GLY B 113 -6.63 14.28 8.26
N SER B 114 -7.65 13.43 8.29
CA SER B 114 -8.49 13.28 9.46
C SER B 114 -7.79 12.63 10.67
N CYS B 115 -6.86 11.70 10.42
CA CYS B 115 -6.05 11.11 11.50
C CYS B 115 -5.35 12.20 12.33
N ALA B 116 -4.52 13.00 11.66
CA ALA B 116 -3.75 14.04 12.34
C ALA B 116 -4.64 15.16 12.88
N SER B 117 -5.70 15.48 12.14
CA SER B 117 -6.58 16.60 12.47
C SER B 117 -7.50 16.28 13.65
N TRP B 118 -8.08 15.08 13.64
CA TRP B 118 -9.15 14.74 14.56
C TRP B 118 -8.96 13.41 15.31
N GLY B 119 -8.20 12.47 14.77
CA GLY B 119 -7.99 11.19 15.43
C GLY B 119 -8.06 10.02 14.48
N GLY B 120 -8.91 10.13 13.47
CA GLY B 120 -8.98 9.15 12.41
C GLY B 120 -9.62 7.86 12.87
N VAL B 121 -9.52 6.83 12.04
CA VAL B 121 -10.21 5.57 12.27
C VAL B 121 -9.74 4.91 13.57
N GLN B 122 -8.45 5.03 13.88
CA GLN B 122 -7.89 4.46 15.12
C GLN B 122 -8.47 5.07 16.39
N ALA B 123 -8.98 6.30 16.32
CA ALA B 123 -9.59 6.96 17.47
C ALA B 123 -11.09 6.64 17.61
N ALA B 124 -11.63 5.88 16.67
CA ALA B 124 -13.03 5.46 16.77
C ALA B 124 -13.17 4.50 17.93
N LYS B 125 -14.35 4.46 18.53
CA LYS B 125 -14.60 3.65 19.73
C LYS B 125 -14.25 2.18 19.48
N PRO B 126 -13.57 1.53 20.45
CA PRO B 126 -13.17 2.03 21.78
C PRO B 126 -11.78 2.68 21.85
N ASN B 127 -11.17 2.98 20.70
CA ASN B 127 -9.85 3.62 20.63
C ASN B 127 -8.79 2.94 21.52
N PRO B 128 -8.42 1.69 21.21
CA PRO B 128 -7.54 0.92 22.08
C PRO B 128 -6.12 1.50 22.28
N THR B 129 -5.64 2.33 21.36
CA THR B 129 -4.31 2.93 21.51
C THR B 129 -4.32 4.37 22.10
N GLN B 130 -5.52 4.89 22.35
CA GLN B 130 -5.71 6.30 22.73
CA GLN B 130 -5.72 6.29 22.72
C GLN B 130 -5.00 7.22 21.74
N ALA B 131 -5.24 6.98 20.46
CA ALA B 131 -4.76 7.83 19.40
C ALA B 131 -5.31 9.23 19.63
N THR B 132 -4.43 10.22 19.54
CA THR B 132 -4.76 11.58 19.93
C THR B 132 -4.36 12.50 18.79
N PRO B 133 -5.25 13.42 18.35
CA PRO B 133 -4.88 14.34 17.27
C PRO B 133 -3.75 15.30 17.66
N VAL B 134 -3.06 15.81 16.65
CA VAL B 134 -1.80 16.56 16.85
C VAL B 134 -2.00 17.79 17.72
N HIS B 135 -3.07 18.54 17.47
CA HIS B 135 -3.35 19.77 18.21
C HIS B 135 -3.67 19.58 19.71
N LYS B 136 -4.06 18.37 20.11
CA LYS B 136 -4.25 18.06 21.53
C LYS B 136 -2.91 17.74 22.21
N VAL B 137 -1.88 17.46 21.41
CA VAL B 137 -0.55 17.16 21.90
C VAL B 137 0.35 18.40 21.81
N ILE B 138 0.37 19.03 20.63
CA ILE B 138 1.14 20.25 20.42
C ILE B 138 0.21 21.46 20.61
N THR B 139 0.38 22.16 21.71
CA THR B 139 -0.55 23.21 22.13
C THR B 139 0.00 24.64 22.01
N ASP B 140 1.28 24.78 21.69
CA ASP B 140 1.95 26.08 21.71
C ASP B 140 2.50 26.49 20.33
N LYS B 141 1.92 25.92 19.28
CA LYS B 141 2.33 26.20 17.91
C LYS B 141 1.11 26.38 16.99
N PRO B 142 1.23 27.23 15.95
CA PRO B 142 0.12 27.42 15.01
C PRO B 142 -0.04 26.21 14.09
N ILE B 143 -1.22 25.59 14.13
CA ILE B 143 -1.51 24.39 13.35
C ILE B 143 -2.65 24.68 12.37
N ILE B 144 -2.47 24.23 11.13
CA ILE B 144 -3.54 24.23 10.14
C ILE B 144 -3.97 22.77 9.90
N LYS B 145 -5.27 22.53 10.05
CA LYS B 145 -5.86 21.21 9.83
C LYS B 145 -6.32 21.09 8.39
N VAL B 146 -5.97 19.99 7.74
CA VAL B 146 -6.40 19.71 6.37
C VAL B 146 -7.12 18.36 6.41
N PRO B 147 -8.35 18.34 6.93
CA PRO B 147 -9.02 17.07 7.18
C PRO B 147 -9.58 16.44 5.92
N GLY B 148 -10.04 15.20 6.06
CA GLY B 148 -10.44 14.39 4.93
C GLY B 148 -9.67 13.09 4.98
N CYS B 149 -10.28 12.03 4.43
CA CYS B 149 -9.66 10.71 4.50
C CYS B 149 -9.59 10.04 3.12
N PRO B 150 -8.61 10.46 2.30
CA PRO B 150 -7.66 11.55 2.53
C PRO B 150 -8.25 12.89 2.08
N PRO B 151 -7.53 14.00 2.32
CA PRO B 151 -7.91 15.25 1.65
C PRO B 151 -7.70 15.15 0.14
N ILE B 152 -8.43 15.98 -0.61
CA ILE B 152 -8.27 16.06 -2.06
C ILE B 152 -6.82 16.46 -2.35
N ALA B 153 -6.23 15.87 -3.38
CA ALA B 153 -4.82 16.14 -3.74
C ALA B 153 -4.53 17.65 -3.91
N GLU B 154 -5.38 18.33 -4.68
CA GLU B 154 -5.17 19.75 -4.99
C GLU B 154 -5.40 20.66 -3.78
N VAL B 155 -6.19 20.19 -2.82
CA VAL B 155 -6.32 20.87 -1.55
C VAL B 155 -4.98 20.82 -0.79
N MET B 156 -4.35 19.66 -0.77
CA MET B 156 -3.06 19.50 -0.06
C MET B 156 -1.97 20.39 -0.67
N THR B 157 -1.80 20.32 -1.98
CA THR B 157 -0.78 21.12 -2.66
C THR B 157 -1.18 22.60 -2.70
N GLY B 158 -2.49 22.85 -2.68
CA GLY B 158 -3.01 24.22 -2.62
C GLY B 158 -2.62 24.92 -1.33
N VAL B 159 -2.69 24.18 -0.23
CA VAL B 159 -2.24 24.67 1.07
C VAL B 159 -0.73 24.94 1.05
N ILE B 160 0.03 24.00 0.52
CA ILE B 160 1.50 24.14 0.41
C ILE B 160 1.85 25.35 -0.45
N THR B 161 1.18 25.47 -1.59
CA THR B 161 1.45 26.55 -2.55
C THR B 161 1.20 27.92 -1.92
N TYR B 162 0.10 28.07 -1.19
CA TYR B 162 -0.22 29.32 -0.50
C TYR B 162 0.85 29.66 0.54
N MET B 163 1.22 28.67 1.35
CA MET B 163 2.22 28.88 2.40
C MET B 163 3.58 29.25 1.84
N LEU B 164 3.96 28.62 0.73
CA LEU B 164 5.25 28.90 0.08
C LEU B 164 5.25 30.28 -0.57
N THR B 165 4.13 30.65 -1.20
CA THR B 165 4.04 31.92 -1.91
C THR B 165 4.05 33.11 -0.93
N PHE B 166 3.24 33.03 0.12
CA PHE B 166 3.02 34.17 1.02
C PHE B 166 3.76 34.10 2.36
N ASP B 167 4.32 32.93 2.69
CA ASP B 167 5.00 32.73 3.98
C ASP B 167 4.04 33.02 5.15
N ARG B 168 2.80 32.53 5.01
CA ARG B 168 1.74 32.72 6.01
C ARG B 168 0.83 31.51 5.96
N ILE B 169 0.16 31.23 7.07
CA ILE B 169 -0.91 30.23 7.09
C ILE B 169 -2.18 30.93 6.53
N PRO B 170 -2.92 30.25 5.63
CA PRO B 170 -4.15 30.87 5.12
C PRO B 170 -5.20 31.06 6.22
N GLU B 171 -6.16 31.95 5.97
CA GLU B 171 -7.24 32.22 6.93
C GLU B 171 -7.97 30.92 7.30
N LEU B 172 -8.16 30.71 8.60
CA LEU B 172 -8.76 29.47 9.09
C LEU B 172 -10.13 29.73 9.69
N ASP B 173 -11.01 28.73 9.60
CA ASP B 173 -12.29 28.77 10.32
C ASP B 173 -12.03 28.39 11.79
N ARG B 174 -13.10 28.41 12.59
CA ARG B 174 -13.04 28.08 14.02
C ARG B 174 -12.35 26.74 14.32
N GLN B 175 -12.48 25.78 13.41
CA GLN B 175 -11.91 24.45 13.60
C GLN B 175 -10.48 24.32 13.08
N GLY B 176 -9.89 25.43 12.61
CA GLY B 176 -8.50 25.43 12.16
C GLY B 176 -8.31 24.95 10.74
N ARG B 177 -9.39 24.90 9.96
CA ARG B 177 -9.35 24.50 8.56
C ARG B 177 -9.26 25.73 7.64
N PRO B 178 -8.53 25.61 6.52
CA PRO B 178 -8.40 26.74 5.58
C PRO B 178 -9.71 27.05 4.87
N LYS B 179 -10.16 28.29 4.99
CA LYS B 179 -11.45 28.70 4.45
C LYS B 179 -11.49 28.60 2.93
N MET B 180 -10.32 28.75 2.30
CA MET B 180 -10.21 28.66 0.83
C MET B 180 -10.61 27.28 0.28
N PHE B 181 -10.59 26.25 1.12
CA PHE B 181 -11.02 24.90 0.71
C PHE B 181 -12.19 24.30 1.51
N TYR B 182 -12.45 24.81 2.73
CA TYR B 182 -13.40 24.16 3.66
C TYR B 182 -14.57 25.06 4.10
N SER B 183 -14.86 26.11 3.35
CA SER B 183 -15.94 27.02 3.73
C SER B 183 -17.34 26.57 3.24
N GLN B 184 -17.39 25.69 2.25
CA GLN B 184 -18.67 25.15 1.73
C GLN B 184 -18.93 23.73 2.20
N ARG B 185 -20.19 23.42 2.50
CA ARG B 185 -20.62 22.04 2.63
C ARG B 185 -20.78 21.41 1.26
N ILE B 186 -20.54 20.11 1.17
CA ILE B 186 -20.69 19.36 -0.08
C ILE B 186 -22.05 19.64 -0.72
N HIS B 187 -23.08 19.65 0.11
CA HIS B 187 -24.47 19.87 -0.31
C HIS B 187 -24.74 21.22 -1.02
N ASP B 188 -23.91 22.23 -0.74
CA ASP B 188 -24.13 23.57 -1.31
C ASP B 188 -24.16 23.55 -2.84
N LYS B 189 -23.17 22.90 -3.44
CA LYS B 189 -23.03 22.91 -4.91
C LYS B 189 -23.03 21.52 -5.55
N CYS B 190 -23.45 20.50 -4.79
CA CYS B 190 -23.60 19.14 -5.31
C CYS B 190 -24.54 19.15 -6.50
N TYR B 191 -24.09 18.54 -7.60
CA TYR B 191 -24.88 18.53 -8.84
C TYR B 191 -26.21 17.77 -8.72
N ARG B 192 -26.38 16.96 -7.66
CA ARG B 192 -27.67 16.31 -7.37
C ARG B 192 -28.62 17.18 -6.53
N ARG B 193 -28.19 18.39 -6.19
CA ARG B 193 -29.00 19.29 -5.37
C ARG B 193 -30.40 19.55 -5.93
N PRO B 194 -30.53 19.77 -7.26
CA PRO B 194 -31.88 19.95 -7.79
C PRO B 194 -32.80 18.77 -7.52
N HIS B 195 -32.27 17.54 -7.49
CA HIS B 195 -33.06 16.37 -7.12
C HIS B 195 -33.48 16.40 -5.65
N PHE B 196 -32.54 16.76 -4.78
CA PHE B 196 -32.86 16.97 -3.36
C PHE B 196 -34.00 18.00 -3.21
N ASP B 197 -33.88 19.12 -3.92
CA ASP B 197 -34.85 20.23 -3.85
C ASP B 197 -36.26 19.83 -4.31
N ALA B 198 -36.33 18.86 -5.21
CA ALA B 198 -37.60 18.36 -5.74
C ALA B 198 -38.05 17.05 -5.08
N GLY B 199 -37.40 16.65 -3.99
CA GLY B 199 -37.75 15.42 -3.26
C GLY B 199 -37.55 14.14 -4.04
N GLN B 200 -36.51 14.13 -4.89
CA GLN B 200 -36.20 12.98 -5.74
C GLN B 200 -35.00 12.22 -5.18
N PHE B 201 -35.27 11.06 -4.56
CA PHE B 201 -34.25 10.30 -3.81
C PHE B 201 -34.13 8.86 -4.26
N VAL B 202 -32.91 8.34 -4.14
CA VAL B 202 -32.66 6.92 -4.21
C VAL B 202 -33.19 6.30 -2.90
N GLU B 203 -33.94 5.21 -3.00
CA GLU B 203 -34.44 4.52 -1.82
C GLU B 203 -33.75 3.15 -1.62
N GLU B 204 -33.36 2.52 -2.73
CA GLU B 204 -32.62 1.26 -2.74
C GLU B 204 -31.49 1.35 -3.76
N TRP B 205 -30.38 0.67 -3.48
CA TRP B 205 -29.25 0.65 -4.42
C TRP B 205 -29.69 0.07 -5.75
N ASP B 206 -29.28 0.76 -6.82
CA ASP B 206 -29.59 0.40 -8.20
C ASP B 206 -31.07 0.36 -8.54
N ASP B 207 -31.89 1.13 -7.83
CA ASP B 207 -33.29 1.34 -8.25
C ASP B 207 -33.30 2.34 -9.43
N GLU B 208 -34.47 2.56 -10.01
CA GLU B 208 -34.61 3.48 -11.16
C GLU B 208 -34.06 4.86 -10.84
N SER B 209 -34.32 5.31 -9.62
CA SER B 209 -33.84 6.61 -9.14
C SER B 209 -32.32 6.72 -9.15
N ALA B 210 -31.64 5.63 -8.77
CA ALA B 210 -30.19 5.60 -8.78
C ALA B 210 -29.62 5.67 -10.19
N ARG B 211 -30.31 5.03 -11.14
CA ARG B 211 -29.88 5.04 -12.54
C ARG B 211 -30.14 6.39 -13.21
N LYS B 212 -30.88 7.25 -12.52
CA LYS B 212 -31.14 8.60 -13.00
C LYS B 212 -30.39 9.65 -12.16
N GLY B 213 -29.52 9.19 -11.26
CA GLY B 213 -28.67 10.10 -10.47
C GLY B 213 -29.41 10.95 -9.45
N PHE B 214 -30.50 10.42 -8.89
CA PHE B 214 -31.25 11.11 -7.85
C PHE B 214 -30.44 11.28 -6.57
N CYS B 215 -30.89 12.19 -5.71
CA CYS B 215 -30.19 12.52 -4.48
C CYS B 215 -30.00 11.30 -3.57
N LEU B 216 -28.87 11.28 -2.87
CA LEU B 216 -28.48 10.13 -2.05
C LEU B 216 -28.73 10.33 -0.55
N TYR B 217 -29.47 11.38 -0.19
CA TYR B 217 -29.75 11.69 1.21
C TYR B 217 -30.34 10.50 1.97
N LYS B 218 -31.32 9.82 1.38
CA LYS B 218 -31.99 8.70 2.06
C LYS B 218 -31.12 7.43 2.10
N MET B 219 -30.05 7.39 1.32
CA MET B 219 -29.05 6.32 1.43
C MET B 219 -27.92 6.68 2.39
N GLY B 220 -28.06 7.81 3.09
CA GLY B 220 -27.16 8.17 4.19
C GLY B 220 -26.16 9.25 3.88
N CYS B 221 -26.32 9.93 2.76
CA CYS B 221 -25.37 10.95 2.34
C CYS B 221 -25.23 12.03 3.39
N LYS B 222 -24.00 12.30 3.82
CA LYS B 222 -23.72 13.25 4.87
C LYS B 222 -23.19 14.57 4.29
N GLY B 223 -23.39 14.77 3.00
CA GLY B 223 -23.05 16.03 2.35
C GLY B 223 -23.60 17.30 2.99
N PRO B 224 -24.84 17.25 3.55
CA PRO B 224 -25.41 18.42 4.23
C PRO B 224 -24.73 18.85 5.53
N THR B 225 -23.88 18.00 6.12
CA THR B 225 -23.19 18.35 7.36
C THR B 225 -21.67 18.27 7.23
N THR B 226 -21.15 18.17 6.00
CA THR B 226 -19.73 17.91 5.77
C THR B 226 -19.09 19.02 4.90
N TYR B 227 -18.07 19.66 5.46
CA TYR B 227 -17.36 20.75 4.80
C TYR B 227 -16.10 20.23 4.08
N ASN B 228 -16.04 20.44 2.77
CA ASN B 228 -14.96 19.98 1.92
C ASN B 228 -15.22 20.51 0.50
N ALA B 229 -14.24 20.33 -0.39
CA ALA B 229 -14.33 20.84 -1.77
C ALA B 229 -14.71 19.74 -2.79
N CYS B 230 -15.32 18.66 -2.32
CA CYS B 230 -15.54 17.49 -3.17
C CYS B 230 -16.51 17.74 -4.31
N SER B 231 -17.54 18.56 -4.08
CA SER B 231 -18.55 18.77 -5.12
C SER B 231 -18.14 19.81 -6.16
N THR B 232 -17.06 20.55 -5.90
CA THR B 232 -16.58 21.60 -6.79
C THR B 232 -15.22 21.27 -7.38
N THR B 233 -14.18 21.23 -6.53
CA THR B 233 -12.85 20.83 -6.97
C THR B 233 -12.84 19.37 -7.45
N ARG B 234 -13.57 18.51 -6.75
CA ARG B 234 -13.70 17.11 -7.09
C ARG B 234 -12.36 16.37 -7.03
N TRP B 235 -12.33 15.12 -7.44
CA TRP B 235 -11.22 14.21 -7.15
C TRP B 235 -10.45 13.79 -8.38
N ASN B 236 -9.13 13.71 -8.24
CA ASN B 236 -8.25 13.16 -9.28
C ASN B 236 -8.38 13.94 -10.59
N GLU B 237 -8.06 15.22 -10.49
CA GLU B 237 -8.19 16.20 -11.59
C GLU B 237 -9.65 16.36 -12.05
N GLY B 238 -10.52 16.53 -11.07
CA GLY B 238 -11.95 16.68 -11.32
C GLY B 238 -12.62 15.56 -12.09
N THR B 239 -12.17 14.31 -11.89
CA THR B 239 -12.75 13.19 -12.63
C THR B 239 -14.14 12.81 -12.11
N SER B 240 -14.26 12.68 -10.79
CA SER B 240 -15.54 12.38 -10.15
C SER B 240 -15.48 12.78 -8.69
N PHE B 241 -16.48 12.37 -7.93
CA PHE B 241 -16.42 12.43 -6.46
C PHE B 241 -17.45 11.43 -5.92
N PRO B 242 -17.38 11.11 -4.60
CA PRO B 242 -18.20 10.01 -4.10
C PRO B 242 -19.64 10.00 -4.60
N ILE B 243 -20.28 11.16 -4.54
CA ILE B 243 -21.69 11.30 -4.93
C ILE B 243 -21.88 11.09 -6.44
N GLN B 244 -20.97 11.62 -7.25
CA GLN B 244 -21.07 11.45 -8.71
C GLN B 244 -20.97 9.98 -9.12
N SER B 245 -20.14 9.23 -8.39
CA SER B 245 -19.95 7.81 -8.65
C SER B 245 -20.99 6.91 -7.97
N GLY B 246 -21.90 7.51 -7.20
CA GLY B 246 -23.13 6.81 -6.76
C GLY B 246 -23.25 6.44 -5.28
N HIS B 247 -22.21 6.73 -4.50
CA HIS B 247 -22.25 6.50 -3.05
C HIS B 247 -22.34 7.84 -2.33
N GLY B 248 -23.14 7.89 -1.28
CA GLY B 248 -23.29 9.10 -0.50
C GLY B 248 -21.99 9.47 0.20
N CYS B 249 -21.83 10.76 0.46
CA CYS B 249 -20.76 11.22 1.31
C CYS B 249 -20.91 10.51 2.66
N ILE B 250 -19.82 10.00 3.20
CA ILE B 250 -19.82 9.37 4.52
C ILE B 250 -19.34 10.35 5.61
N GLY B 251 -19.01 11.56 5.21
CA GLY B 251 -18.62 12.61 6.14
C GLY B 251 -17.17 12.53 6.57
N CYS B 252 -16.30 12.06 5.67
CA CYS B 252 -14.94 11.66 6.07
C CYS B 252 -14.02 12.82 6.52
N SER B 253 -14.40 14.06 6.22
CA SER B 253 -13.59 15.21 6.65
C SER B 253 -14.04 15.79 7.99
N GLU B 254 -15.16 15.33 8.53
CA GLU B 254 -15.69 15.86 9.79
C GLU B 254 -15.14 15.12 11.02
N ASP B 255 -14.96 15.89 12.10
CA ASP B 255 -14.48 15.37 13.38
C ASP B 255 -15.39 14.26 13.91
N GLY B 256 -14.79 13.10 14.19
CA GLY B 256 -15.51 11.96 14.77
C GLY B 256 -16.60 11.33 13.93
N PHE B 257 -16.47 11.40 12.60
CA PHE B 257 -17.52 10.89 11.71
C PHE B 257 -17.73 9.37 11.84
N TRP B 258 -16.70 8.63 12.26
CA TRP B 258 -16.81 7.17 12.42
C TRP B 258 -17.85 6.77 13.45
N ASP B 259 -18.05 7.62 14.46
CA ASP B 259 -18.93 7.31 15.57
C ASP B 259 -20.19 8.15 15.57
N LYS B 260 -20.59 8.64 14.40
CA LYS B 260 -21.85 9.37 14.25
C LYS B 260 -22.93 8.49 13.62
N GLY B 261 -22.88 7.18 13.89
CA GLY B 261 -23.86 6.22 13.37
C GLY B 261 -23.45 5.62 12.03
N SER B 262 -24.25 4.68 11.56
CA SER B 262 -24.01 4.02 10.28
C SER B 262 -23.89 5.03 9.14
N PHE B 263 -23.03 4.75 8.18
CA PHE B 263 -22.89 5.60 6.99
C PHE B 263 -24.18 5.61 6.16
N TYR B 264 -25.00 4.58 6.31
CA TYR B 264 -26.22 4.43 5.54
C TYR B 264 -27.48 4.89 6.26
N ASP B 265 -27.33 5.29 7.53
CA ASP B 265 -28.42 5.96 8.25
C ASP B 265 -28.49 7.41 7.82
N ARG B 266 -29.67 7.84 7.45
CA ARG B 266 -29.86 9.19 6.95
C ARG B 266 -29.82 10.21 8.08
N LEU B 267 -29.45 11.44 7.74
CA LEU B 267 -29.55 12.56 8.67
C LEU B 267 -31.02 12.84 8.94
N THR B 268 -31.30 13.37 10.13
CA THR B 268 -32.64 13.89 10.43
C THR B 268 -32.61 15.42 10.58
N GLY B 269 -31.61 15.92 11.31
CA GLY B 269 -31.55 17.31 11.77
C GLY B 269 -31.19 17.37 13.25
#